data_5EY4
#
_entry.id   5EY4
#
_cell.length_a   56.456
_cell.length_b   74.781
_cell.length_c   85.747
_cell.angle_alpha   90.000
_cell.angle_beta   98.250
_cell.angle_gamma   90.000
#
_symmetry.space_group_name_H-M   'P 1 21 1'
#
loop_
_entity.id
_entity.type
_entity.pdbx_description
1 polymer '78 kDa glucose-regulated protein'
2 non-polymer "2'-DEOXYADENOSINE 5'-TRIPHOSPHATE"
3 water water
#
_entity_poly.entity_id   1
_entity_poly.type   'polypeptide(L)'
_entity_poly.pdbx_seq_one_letter_code
;MHHHHHHSSGRENLYFQGDVGTVVGIDLGTTYSCVGVFKNGRVEIIANDQGNRITPSYVAFTPEGERLIGDAAKNQLTSN
PENTVFDAKRLIGRTWNDPSVQQDIKFLPFKVVEKKTKPYIQVDIGGGQTKTFAPEEISAMVLTKMKETAEAYLGKKVTH
AVVTVPAYFNDAQRQATKDAGTIAGLNVMRIINEPTAAAIAYGLDKREGEKNILVFDLGGGTFDVSLLTIDNGVFEVVAT
NGDTHLGGEDFDQRVMEHFIKLYKKKTGKDVRKDNRAVQKLRREVEKAKRALSSQHQARIEIESFYEGEDFSETLTRAKF
EELNMDLFRSTMKPVQKVLEDSDLKKSDIDEIVLVGGSTRIPKIQQLVKEFFNGKEPSRGINPDEAVAYGAAVQAGVLSG
;
_entity_poly.pdbx_strand_id   A,B
#
# COMPACT_ATOMS: atom_id res chain seq x y z
N ASP A 19 11.56 -3.34 -27.32
CA ASP A 19 10.39 -3.43 -26.40
C ASP A 19 10.65 -4.55 -25.42
N VAL A 20 10.67 -4.22 -24.14
CA VAL A 20 10.91 -5.21 -23.10
C VAL A 20 9.66 -6.00 -22.74
N GLY A 21 8.51 -5.61 -23.29
CA GLY A 21 7.26 -6.34 -23.06
C GLY A 21 6.79 -6.20 -21.63
N THR A 22 6.13 -7.24 -21.12
CA THR A 22 5.66 -7.27 -19.74
C THR A 22 6.71 -7.90 -18.85
N VAL A 23 7.21 -7.11 -17.91
CA VAL A 23 8.28 -7.53 -17.05
C VAL A 23 7.66 -8.19 -15.84
N VAL A 24 8.22 -9.33 -15.43
CA VAL A 24 7.73 -10.04 -14.28
C VAL A 24 8.63 -9.83 -13.10
N GLY A 25 8.08 -10.08 -11.92
CA GLY A 25 8.82 -10.05 -10.66
C GLY A 25 8.96 -11.43 -10.10
N ILE A 26 10.20 -11.88 -9.86
CA ILE A 26 10.44 -13.22 -9.36
C ILE A 26 11.21 -13.23 -8.05
N ASP A 27 10.61 -13.86 -7.05
CA ASP A 27 11.28 -14.23 -5.81
C ASP A 27 11.92 -15.59 -6.07
N LEU A 28 13.22 -15.59 -6.28
CA LEU A 28 13.98 -16.79 -6.48
C LEU A 28 14.52 -17.26 -5.14
N GLY A 29 13.77 -18.15 -4.51
CA GLY A 29 13.98 -18.49 -3.11
C GLY A 29 14.85 -19.71 -2.93
N THR A 30 15.40 -19.85 -1.72
CA THR A 30 16.22 -21.00 -1.38
C THR A 30 15.42 -22.31 -1.50
N THR A 31 14.23 -22.34 -0.92
CA THR A 31 13.40 -23.54 -0.94
C THR A 31 12.19 -23.43 -1.89
N TYR A 32 11.58 -22.25 -1.90
CA TYR A 32 10.41 -21.96 -2.74
C TYR A 32 10.58 -20.68 -3.52
N SER A 33 9.95 -20.60 -4.70
CA SER A 33 10.01 -19.43 -5.54
C SER A 33 8.58 -19.00 -5.90
N CYS A 34 8.43 -17.74 -6.30
CA CYS A 34 7.14 -17.10 -6.51
C CYS A 34 7.26 -16.06 -7.60
N VAL A 35 6.25 -15.93 -8.45
CA VAL A 35 6.26 -14.95 -9.52
C VAL A 35 4.97 -14.13 -9.53
N GLY A 36 5.12 -12.82 -9.67
CA GLY A 36 4.03 -11.88 -9.77
C GLY A 36 4.19 -10.98 -10.98
N VAL A 37 3.11 -10.31 -11.36
CA VAL A 37 3.11 -9.43 -12.51
C VAL A 37 1.98 -8.42 -12.37
N PHE A 38 2.18 -7.21 -12.91
CA PHE A 38 1.06 -6.26 -13.10
C PHE A 38 0.26 -6.70 -14.29
N LYS A 39 -1.02 -6.96 -14.08
CA LYS A 39 -1.93 -7.23 -15.18
C LYS A 39 -3.20 -6.44 -14.94
N ASN A 40 -3.68 -5.77 -15.98
CA ASN A 40 -4.90 -4.96 -15.90
C ASN A 40 -4.90 -4.04 -14.66
N GLY A 41 -3.78 -3.36 -14.46
CA GLY A 41 -3.67 -2.36 -13.39
C GLY A 41 -3.61 -2.90 -11.99
N ARG A 42 -3.29 -4.19 -11.84
CA ARG A 42 -3.25 -4.79 -10.50
C ARG A 42 -2.13 -5.85 -10.43
N VAL A 43 -1.41 -5.93 -9.30
CA VAL A 43 -0.40 -6.97 -9.11
C VAL A 43 -1.11 -8.30 -8.89
N GLU A 44 -0.72 -9.31 -9.66
CA GLU A 44 -1.23 -10.67 -9.51
C GLU A 44 -0.07 -11.62 -9.17
N ILE A 45 -0.23 -12.38 -8.10
CA ILE A 45 0.67 -13.47 -7.76
C ILE A 45 0.15 -14.75 -8.43
N ILE A 46 0.99 -15.38 -9.22
CA ILE A 46 0.49 -16.34 -10.20
C ILE A 46 0.57 -17.78 -9.73
N ALA A 47 -0.57 -18.46 -9.81
CA ALA A 47 -0.64 -19.90 -9.53
C ALA A 47 -0.04 -20.68 -10.68
N ASN A 48 0.82 -21.64 -10.33
CA ASN A 48 1.40 -22.54 -11.32
C ASN A 48 0.40 -23.59 -11.79
N ASP A 49 0.83 -24.49 -12.67
CA ASP A 49 -0.11 -25.44 -13.26
C ASP A 49 -0.69 -26.47 -12.29
N GLN A 50 -0.07 -26.60 -11.13
CA GLN A 50 -0.60 -27.38 -10.01
C GLN A 50 -1.47 -26.59 -9.06
N GLY A 51 -1.71 -25.32 -9.37
CA GLY A 51 -2.59 -24.48 -8.56
C GLY A 51 -1.95 -23.85 -7.35
N ASN A 52 -0.62 -23.85 -7.30
CA ASN A 52 0.16 -23.30 -6.20
C ASN A 52 0.84 -22.00 -6.55
N ARG A 53 0.74 -21.02 -5.65
CA ARG A 53 1.35 -19.70 -5.88
C ARG A 53 2.79 -19.63 -5.41
N ILE A 54 3.30 -20.71 -4.83
CA ILE A 54 4.76 -20.90 -4.67
C ILE A 54 5.16 -22.24 -5.33
N THR A 55 6.39 -22.29 -5.83
CA THR A 55 6.93 -23.44 -6.56
C THR A 55 8.26 -23.83 -5.88
N PRO A 56 8.43 -25.11 -5.46
CA PRO A 56 9.73 -25.48 -4.90
C PRO A 56 10.88 -25.26 -5.89
N SER A 57 12.00 -24.76 -5.37
CA SER A 57 13.19 -24.51 -6.15
C SER A 57 13.98 -25.80 -6.28
N TYR A 58 13.32 -26.80 -6.87
CA TYR A 58 13.80 -28.18 -6.93
C TYR A 58 13.92 -28.65 -8.36
N VAL A 59 14.95 -29.43 -8.64
CA VAL A 59 15.09 -30.10 -9.97
C VAL A 59 15.39 -31.59 -9.76
N ALA A 60 14.71 -32.45 -10.49
CA ALA A 60 14.92 -33.88 -10.33
C ALA A 60 15.23 -34.45 -11.66
N PHE A 61 16.29 -35.26 -11.66
CA PHE A 61 16.84 -35.86 -12.86
C PHE A 61 16.54 -37.36 -12.83
N THR A 62 15.67 -37.78 -13.72
CA THR A 62 15.09 -39.12 -13.72
C THR A 62 16.00 -40.15 -14.43
N PRO A 63 15.95 -41.44 -14.01
CA PRO A 63 16.71 -42.46 -14.77
C PRO A 63 16.19 -42.69 -16.22
N GLU A 64 14.89 -42.43 -16.46
CA GLU A 64 14.36 -42.37 -17.84
C GLU A 64 14.99 -41.23 -18.64
N GLY A 65 15.00 -40.03 -18.06
CA GLY A 65 15.68 -38.88 -18.66
C GLY A 65 14.97 -37.54 -18.60
N GLU A 66 13.67 -37.54 -18.30
CA GLU A 66 12.89 -36.30 -18.31
C GLU A 66 13.21 -35.45 -17.08
N ARG A 67 13.39 -34.16 -17.30
CA ARG A 67 13.78 -33.22 -16.24
C ARG A 67 12.56 -32.68 -15.53
N LEU A 68 12.43 -32.96 -14.24
CA LEU A 68 11.31 -32.49 -13.44
C LEU A 68 11.70 -31.22 -12.72
N ILE A 69 10.81 -30.23 -12.72
CA ILE A 69 11.09 -28.97 -12.03
C ILE A 69 9.90 -28.60 -11.14
N GLY A 70 10.18 -28.14 -9.94
CA GLY A 70 9.15 -27.66 -9.04
C GLY A 70 8.49 -28.76 -8.24
N ASP A 71 7.16 -28.70 -8.15
CA ASP A 71 6.39 -29.64 -7.35
C ASP A 71 6.64 -31.10 -7.79
N ALA A 72 6.67 -31.33 -9.09
CA ALA A 72 6.93 -32.67 -9.64
C ALA A 72 8.29 -33.22 -9.18
N ALA A 73 9.29 -32.34 -9.08
CA ALA A 73 10.62 -32.72 -8.56
C ALA A 73 10.62 -32.99 -7.06
N LYS A 74 10.01 -32.09 -6.28
CA LYS A 74 10.01 -32.25 -4.82
C LYS A 74 9.18 -33.45 -4.35
N ASN A 75 8.13 -33.79 -5.08
CA ASN A 75 7.22 -34.85 -4.65
C ASN A 75 7.45 -36.23 -5.28
N GLN A 76 8.42 -36.32 -6.19
CA GLN A 76 8.81 -37.60 -6.77
C GLN A 76 9.34 -38.54 -5.69
N LEU A 77 8.75 -39.72 -5.60
CA LEU A 77 9.26 -40.75 -4.70
C LEU A 77 10.46 -41.40 -5.39
N THR A 78 11.58 -41.51 -4.67
CA THR A 78 12.80 -42.00 -5.26
C THR A 78 13.69 -42.73 -4.25
N SER A 79 14.28 -43.83 -4.68
CA SER A 79 15.24 -44.54 -3.86
C SER A 79 16.63 -43.91 -3.97
N ASN A 80 16.77 -42.93 -4.87
CA ASN A 80 18.04 -42.29 -5.12
C ASN A 80 17.93 -40.76 -5.01
N PRO A 81 17.69 -40.27 -3.78
CA PRO A 81 17.55 -38.83 -3.55
C PRO A 81 18.78 -37.98 -3.88
N GLU A 82 19.93 -38.63 -4.05
CA GLU A 82 21.15 -37.92 -4.44
C GLU A 82 21.02 -37.25 -5.82
N ASN A 83 20.05 -37.65 -6.63
CA ASN A 83 19.82 -37.01 -7.92
C ASN A 83 18.75 -35.95 -7.93
N THR A 84 18.34 -35.50 -6.74
CA THR A 84 17.38 -34.41 -6.61
C THR A 84 18.19 -33.21 -6.16
N VAL A 85 18.09 -32.11 -6.90
CA VAL A 85 18.85 -30.89 -6.57
C VAL A 85 17.96 -29.82 -5.99
N PHE A 86 18.45 -29.17 -4.94
CA PHE A 86 17.75 -28.08 -4.31
C PHE A 86 18.80 -27.23 -3.61
N ASP A 87 18.40 -26.11 -3.04
CA ASP A 87 19.34 -25.22 -2.34
C ASP A 87 20.56 -24.74 -3.17
N ALA A 88 20.39 -24.65 -4.50
CA ALA A 88 21.42 -24.06 -5.36
C ALA A 88 21.73 -22.63 -4.97
N LYS A 89 20.74 -21.90 -4.44
CA LYS A 89 20.99 -20.53 -3.94
C LYS A 89 22.08 -20.44 -2.86
N ARG A 90 22.32 -21.54 -2.14
CA ARG A 90 23.40 -21.57 -1.16
C ARG A 90 24.79 -21.48 -1.80
N LEU A 91 24.89 -21.92 -3.06
CA LEU A 91 26.17 -22.05 -3.78
C LEU A 91 26.38 -20.99 -4.86
N ILE A 92 25.30 -20.39 -5.34
CA ILE A 92 25.38 -19.50 -6.50
C ILE A 92 26.30 -18.29 -6.25
N GLY A 93 27.18 -18.04 -7.20
CA GLY A 93 28.07 -16.90 -7.13
C GLY A 93 29.22 -17.03 -6.12
N ARG A 94 29.44 -18.22 -5.58
CA ARG A 94 30.53 -18.47 -4.60
C ARG A 94 31.69 -19.25 -5.23
N THR A 95 32.89 -19.03 -4.71
CA THR A 95 34.05 -19.85 -5.11
C THR A 95 34.16 -21.10 -4.20
N TRP A 96 35.01 -22.05 -4.63
CA TRP A 96 35.10 -23.34 -3.97
C TRP A 96 35.44 -23.21 -2.49
N ASN A 97 36.41 -22.36 -2.17
CA ASN A 97 36.92 -22.31 -0.79
C ASN A 97 36.28 -21.25 0.07
N ASP A 98 35.18 -20.66 -0.40
CA ASP A 98 34.29 -19.88 0.46
C ASP A 98 33.88 -20.79 1.66
N PRO A 99 34.08 -20.30 2.91
CA PRO A 99 33.78 -21.16 4.07
C PRO A 99 32.35 -21.67 4.04
N SER A 100 31.44 -20.86 3.49
CA SER A 100 30.04 -21.20 3.42
C SER A 100 29.84 -22.43 2.54
N VAL A 101 30.50 -22.45 1.39
CA VAL A 101 30.49 -23.61 0.50
C VAL A 101 31.06 -24.86 1.20
N GLN A 102 32.21 -24.70 1.84
CA GLN A 102 32.88 -25.82 2.46
C GLN A 102 32.02 -26.46 3.54
N GLN A 103 31.24 -25.66 4.27
CA GLN A 103 30.31 -26.22 5.22
C GLN A 103 29.09 -26.85 4.55
N ASP A 104 28.48 -26.17 3.59
CA ASP A 104 27.27 -26.69 2.93
C ASP A 104 27.48 -28.00 2.19
N ILE A 105 28.66 -28.22 1.61
CA ILE A 105 28.89 -29.50 0.93
C ILE A 105 28.88 -30.68 1.89
N LYS A 106 29.12 -30.43 3.17
CA LYS A 106 29.01 -31.50 4.18
C LYS A 106 27.57 -31.99 4.36
N PHE A 107 26.60 -31.09 4.21
CA PHE A 107 25.21 -31.34 4.60
C PHE A 107 24.23 -31.53 3.45
N LEU A 108 24.63 -31.23 2.22
CA LEU A 108 23.74 -31.37 1.07
C LEU A 108 23.74 -32.82 0.59
N PRO A 109 22.55 -33.40 0.33
CA PRO A 109 22.50 -34.83 0.06
C PRO A 109 22.79 -35.23 -1.39
N PHE A 110 23.12 -34.26 -2.23
CA PHE A 110 23.58 -34.50 -3.61
C PHE A 110 25.07 -34.13 -3.69
N LYS A 111 25.75 -34.64 -4.71
CA LYS A 111 27.21 -34.40 -4.91
C LYS A 111 27.49 -32.97 -5.35
N VAL A 112 28.37 -32.32 -4.60
CA VAL A 112 28.89 -31.03 -5.00
C VAL A 112 30.40 -31.22 -5.12
N VAL A 113 30.93 -30.90 -6.29
CA VAL A 113 32.30 -31.21 -6.60
C VAL A 113 32.96 -29.98 -7.16
N GLU A 114 34.28 -29.94 -7.05
CA GLU A 114 35.03 -28.80 -7.48
C GLU A 114 35.34 -28.94 -8.96
N LYS A 115 34.97 -27.93 -9.73
CA LYS A 115 35.38 -27.83 -11.12
C LYS A 115 35.85 -26.40 -11.37
N LYS A 116 37.03 -26.26 -11.94
CA LYS A 116 37.58 -24.92 -12.21
C LYS A 116 37.53 -23.99 -10.96
N THR A 117 37.85 -24.59 -9.81
CA THR A 117 37.89 -23.91 -8.49
C THR A 117 36.57 -23.31 -8.04
N LYS A 118 35.46 -23.87 -8.55
CA LYS A 118 34.10 -23.45 -8.17
C LYS A 118 33.22 -24.67 -7.88
N PRO A 119 32.14 -24.47 -7.12
CA PRO A 119 31.30 -25.61 -6.82
C PRO A 119 30.35 -25.91 -7.96
N TYR A 120 30.30 -27.18 -8.36
CA TYR A 120 29.37 -27.66 -9.37
C TYR A 120 28.54 -28.82 -8.78
N ILE A 121 27.36 -29.04 -9.35
CA ILE A 121 26.47 -30.08 -8.87
C ILE A 121 26.51 -31.24 -9.83
N GLN A 122 26.76 -32.43 -9.32
CA GLN A 122 26.90 -33.61 -10.14
C GLN A 122 25.76 -34.59 -9.86
N VAL A 123 25.05 -34.99 -10.90
CA VAL A 123 23.94 -35.93 -10.78
C VAL A 123 23.88 -36.90 -11.93
N ASP A 124 23.13 -37.98 -11.72
CA ASP A 124 22.74 -38.90 -12.78
C ASP A 124 21.45 -38.36 -13.39
N ILE A 125 21.47 -38.15 -14.70
CA ILE A 125 20.31 -37.65 -15.45
C ILE A 125 19.54 -38.80 -16.08
N THR A 130 25.44 -39.15 -16.48
CA THR A 130 25.96 -38.21 -15.46
C THR A 130 26.20 -36.82 -16.04
N LYS A 131 25.98 -35.79 -15.24
CA LYS A 131 26.21 -34.42 -15.72
C LYS A 131 26.60 -33.51 -14.56
N THR A 132 27.42 -32.50 -14.82
CA THR A 132 27.72 -31.53 -13.79
C THR A 132 27.13 -30.17 -14.18
N PHE A 133 26.50 -29.52 -13.21
CA PHE A 133 25.76 -28.27 -13.47
C PHE A 133 26.32 -27.19 -12.59
N ALA A 134 26.54 -26.01 -13.13
CA ALA A 134 26.82 -24.86 -12.29
C ALA A 134 25.56 -24.52 -11.47
N PRO A 135 25.73 -23.92 -10.29
CA PRO A 135 24.53 -23.49 -9.54
C PRO A 135 23.61 -22.60 -10.39
N GLU A 136 24.18 -21.70 -11.19
CA GLU A 136 23.34 -20.82 -12.02
C GLU A 136 22.52 -21.58 -13.07
N GLU A 137 23.01 -22.74 -13.50
CA GLU A 137 22.26 -23.60 -14.41
C GLU A 137 21.04 -24.20 -13.73
N ILE A 138 21.18 -24.58 -12.46
CA ILE A 138 20.04 -25.12 -11.71
C ILE A 138 19.02 -24.01 -11.50
N SER A 139 19.51 -22.85 -11.03
CA SER A 139 18.65 -21.71 -10.83
C SER A 139 17.99 -21.28 -12.13
N ALA A 140 18.66 -21.47 -13.25
CA ALA A 140 18.05 -21.15 -14.56
C ALA A 140 16.84 -22.03 -14.84
N MET A 141 16.90 -23.28 -14.42
CA MET A 141 15.78 -24.21 -14.66
C MET A 141 14.59 -23.79 -13.82
N VAL A 142 14.86 -23.33 -12.59
CA VAL A 142 13.81 -22.81 -11.70
C VAL A 142 13.20 -21.53 -12.29
N LEU A 143 14.05 -20.65 -12.77
CA LEU A 143 13.57 -19.42 -13.41
C LEU A 143 12.71 -19.70 -14.65
N THR A 144 13.13 -20.68 -15.45
CA THR A 144 12.38 -21.09 -16.63
C THR A 144 10.95 -21.53 -16.25
N LYS A 145 10.84 -22.31 -15.20
CA LYS A 145 9.54 -22.76 -14.69
C LYS A 145 8.69 -21.57 -14.21
N MET A 146 9.28 -20.61 -13.55
CA MET A 146 8.57 -19.43 -13.10
C MET A 146 8.14 -18.57 -14.33
N LYS A 147 9.01 -18.50 -15.33
CA LYS A 147 8.71 -17.76 -16.55
C LYS A 147 7.50 -18.39 -17.26
N GLU A 148 7.54 -19.70 -17.42
CA GLU A 148 6.46 -20.47 -18.02
C GLU A 148 5.12 -20.29 -17.28
N THR A 149 5.19 -20.32 -15.96
CA THR A 149 4.03 -20.03 -15.11
C THR A 149 3.42 -18.65 -15.47
N ALA A 150 4.25 -17.63 -15.59
CA ALA A 150 3.77 -16.27 -15.90
C ALA A 150 3.24 -16.18 -17.32
N GLU A 151 3.96 -16.80 -18.26
CA GLU A 151 3.54 -16.83 -19.67
C GLU A 151 2.15 -17.47 -19.88
N ALA A 152 1.86 -18.52 -19.12
CA ALA A 152 0.57 -19.21 -19.27
C ALA A 152 -0.56 -18.29 -18.77
N TYR A 153 -0.30 -17.59 -17.69
CA TYR A 153 -1.27 -16.66 -17.10
C TYR A 153 -1.46 -15.43 -18.00
N LEU A 154 -0.36 -14.89 -18.51
CA LEU A 154 -0.41 -13.65 -19.33
C LEU A 154 -0.89 -13.88 -20.76
N GLY A 155 -0.71 -15.10 -21.27
CA GLY A 155 -1.04 -15.42 -22.62
C GLY A 155 -0.07 -14.76 -23.56
N LYS A 156 1.19 -14.66 -23.14
CA LYS A 156 2.22 -14.07 -23.99
C LYS A 156 3.61 -14.37 -23.48
N LYS A 157 4.60 -14.15 -24.35
CA LYS A 157 6.00 -14.44 -24.03
C LYS A 157 6.53 -13.38 -23.07
N VAL A 158 7.41 -13.79 -22.18
CA VAL A 158 8.06 -12.94 -21.22
C VAL A 158 9.57 -13.01 -21.50
N THR A 159 10.22 -11.86 -21.60
CA THR A 159 11.65 -11.77 -21.92
C THR A 159 12.51 -11.09 -20.84
N HIS A 160 11.86 -10.39 -19.91
CA HIS A 160 12.52 -9.49 -18.96
C HIS A 160 11.91 -9.70 -17.59
N ALA A 161 12.73 -9.55 -16.54
CA ALA A 161 12.30 -9.74 -15.15
C ALA A 161 13.08 -8.86 -14.20
N VAL A 162 12.49 -8.66 -13.02
CA VAL A 162 13.14 -8.17 -11.83
C VAL A 162 13.22 -9.39 -10.90
N VAL A 163 14.40 -9.67 -10.35
CA VAL A 163 14.62 -10.83 -9.49
C VAL A 163 15.16 -10.36 -8.16
N THR A 164 14.64 -10.93 -7.09
CA THR A 164 15.06 -10.55 -5.77
C THR A 164 16.19 -11.46 -5.25
N VAL A 165 16.98 -10.90 -4.35
CA VAL A 165 18.07 -11.62 -3.63
C VAL A 165 18.13 -11.19 -2.18
N PRO A 166 18.78 -12.00 -1.31
CA PRO A 166 18.98 -11.57 0.06
C PRO A 166 19.82 -10.29 0.12
N ALA A 167 19.52 -9.43 1.10
CA ALA A 167 20.19 -8.16 1.24
C ALA A 167 21.72 -8.30 1.38
N TYR A 168 22.18 -9.41 1.97
CA TYR A 168 23.59 -9.66 2.17
C TYR A 168 24.33 -10.16 0.92
N PHE A 169 23.60 -10.50 -0.16
CA PHE A 169 24.26 -10.96 -1.40
C PHE A 169 25.26 -9.94 -1.87
N ASN A 170 26.45 -10.43 -2.25
CA ASN A 170 27.51 -9.58 -2.73
C ASN A 170 27.41 -9.41 -4.27
N ASP A 171 28.32 -8.61 -4.83
CA ASP A 171 28.34 -8.37 -6.27
C ASP A 171 28.32 -9.65 -7.12
N ALA A 172 29.13 -10.62 -6.74
CA ALA A 172 29.28 -11.87 -7.53
C ALA A 172 28.00 -12.68 -7.50
N GLN A 173 27.34 -12.68 -6.34
CA GLN A 173 26.11 -13.46 -6.17
C GLN A 173 24.98 -12.80 -6.93
N ARG A 174 24.95 -11.46 -6.91
CA ARG A 174 24.00 -10.72 -7.75
C ARG A 174 24.23 -10.97 -9.24
N GLN A 175 25.47 -10.89 -9.70
CA GLN A 175 25.77 -11.14 -11.12
C GLN A 175 25.42 -12.58 -11.56
N ALA A 176 25.70 -13.54 -10.67
CA ALA A 176 25.41 -14.96 -10.95
C ALA A 176 23.91 -15.21 -11.09
N THR A 177 23.11 -14.46 -10.33
CA THR A 177 21.65 -14.53 -10.40
C THR A 177 21.19 -13.98 -11.74
N LYS A 178 21.78 -12.86 -12.18
CA LYS A 178 21.47 -12.33 -13.52
C LYS A 178 21.91 -13.33 -14.61
N ASP A 179 23.03 -13.99 -14.39
CA ASP A 179 23.53 -15.01 -15.33
C ASP A 179 22.57 -16.21 -15.41
N ALA A 180 21.99 -16.61 -14.27
CA ALA A 180 20.95 -17.64 -14.25
C ALA A 180 19.79 -17.21 -15.13
N GLY A 181 19.40 -15.94 -14.97
CA GLY A 181 18.39 -15.34 -15.86
C GLY A 181 18.71 -15.51 -17.35
N THR A 182 19.90 -15.10 -17.76
CA THR A 182 20.30 -15.17 -19.16
C THR A 182 20.15 -16.59 -19.71
N ILE A 183 20.55 -17.57 -18.91
CA ILE A 183 20.41 -18.97 -19.33
C ILE A 183 18.95 -19.34 -19.54
N ALA A 184 18.08 -18.80 -18.72
CA ALA A 184 16.64 -19.07 -18.80
C ALA A 184 15.90 -18.20 -19.86
N GLY A 185 16.64 -17.42 -20.65
CA GLY A 185 16.03 -16.54 -21.65
C GLY A 185 15.39 -15.28 -21.07
N LEU A 186 15.91 -14.83 -19.92
CA LEU A 186 15.41 -13.66 -19.22
C LEU A 186 16.51 -12.60 -19.08
N ASN A 187 16.17 -11.38 -19.46
CA ASN A 187 17.02 -10.25 -19.16
C ASN A 187 16.58 -9.75 -17.79
N VAL A 188 17.42 -10.02 -16.78
CA VAL A 188 17.16 -9.58 -15.42
C VAL A 188 17.59 -8.14 -15.37
N MET A 189 16.61 -7.25 -15.44
CA MET A 189 16.86 -5.81 -15.58
C MET A 189 17.28 -5.20 -14.26
N ARG A 190 16.76 -5.74 -13.15
CA ARG A 190 17.10 -5.25 -11.83
C ARG A 190 17.21 -6.44 -10.90
N ILE A 191 18.23 -6.40 -10.05
CA ILE A 191 18.32 -7.27 -8.88
C ILE A 191 17.97 -6.38 -7.69
N ILE A 192 16.96 -6.77 -6.92
CA ILE A 192 16.54 -5.96 -5.78
C ILE A 192 16.57 -6.79 -4.52
N ASN A 193 16.69 -6.13 -3.39
CA ASN A 193 16.78 -6.85 -2.12
C ASN A 193 15.43 -7.39 -1.65
N GLU A 194 15.44 -8.63 -1.16
CA GLU A 194 14.22 -9.29 -0.63
C GLU A 194 13.44 -8.48 0.41
N PRO A 195 14.10 -8.03 1.50
CA PRO A 195 13.31 -7.29 2.51
C PRO A 195 12.69 -5.98 1.97
N THR A 196 13.43 -5.32 1.09
CA THR A 196 12.97 -4.12 0.44
C THR A 196 11.73 -4.41 -0.40
N ALA A 197 11.78 -5.49 -1.20
CA ALA A 197 10.61 -5.90 -1.97
C ALA A 197 9.37 -6.15 -1.08
N ALA A 198 9.56 -6.79 0.08
CA ALA A 198 8.44 -7.03 0.97
C ALA A 198 7.84 -5.72 1.47
N ALA A 199 8.69 -4.74 1.81
CA ALA A 199 8.20 -3.43 2.26
C ALA A 199 7.47 -2.71 1.13
N ILE A 200 7.98 -2.83 -0.09
CA ILE A 200 7.31 -2.23 -1.26
C ILE A 200 5.91 -2.82 -1.50
N ALA A 201 5.73 -4.12 -1.24
CA ALA A 201 4.40 -4.77 -1.30
C ALA A 201 3.37 -4.08 -0.43
N TYR A 202 3.79 -3.67 0.76
CA TYR A 202 2.92 -2.96 1.68
C TYR A 202 2.79 -1.47 1.43
N GLY A 203 3.37 -0.99 0.33
CA GLY A 203 3.27 0.38 -0.07
C GLY A 203 4.16 1.33 0.71
N LEU A 204 5.15 0.79 1.45
CA LEU A 204 5.89 1.61 2.39
C LEU A 204 6.83 2.57 1.68
N ASP A 205 7.12 2.29 0.41
CA ASP A 205 7.90 3.18 -0.46
C ASP A 205 7.14 4.41 -0.95
N LYS A 206 5.83 4.42 -0.80
CA LYS A 206 4.99 5.52 -1.30
C LYS A 206 4.40 6.32 -0.15
N ARG A 207 5.28 6.72 0.77
CA ARG A 207 4.87 7.41 1.96
C ARG A 207 5.84 8.56 2.17
N GLU A 208 5.31 9.72 2.58
CA GLU A 208 6.16 10.85 2.95
C GLU A 208 6.80 10.52 4.29
N GLY A 209 8.01 11.05 4.52
CA GLY A 209 8.68 10.93 5.82
C GLY A 209 9.66 9.76 5.96
N GLU A 210 10.05 9.49 7.21
CA GLU A 210 11.10 8.53 7.54
C GLU A 210 10.54 7.50 8.53
N LYS A 211 10.77 6.23 8.26
CA LYS A 211 10.36 5.14 9.17
C LYS A 211 11.42 4.06 9.29
N ASN A 212 11.40 3.33 10.42
CA ASN A 212 12.23 2.14 10.60
C ASN A 212 11.35 0.90 10.46
N ILE A 213 11.73 0.00 9.56
CA ILE A 213 10.97 -1.22 9.26
C ILE A 213 11.81 -2.45 9.62
N LEU A 214 11.27 -3.33 10.46
CA LEU A 214 11.94 -4.61 10.73
C LEU A 214 11.29 -5.67 9.86
N VAL A 215 12.08 -6.32 9.01
CA VAL A 215 11.59 -7.42 8.21
C VAL A 215 12.06 -8.76 8.81
N PHE A 216 11.09 -9.61 9.14
CA PHE A 216 11.31 -10.86 9.83
C PHE A 216 10.94 -11.94 8.81
N ASP A 217 11.95 -12.57 8.22
CA ASP A 217 11.81 -13.46 7.07
C ASP A 217 12.20 -14.90 7.39
N LEU A 218 11.21 -15.72 7.71
CA LEU A 218 11.49 -17.09 8.13
C LEU A 218 11.06 -17.99 7.00
N GLY A 219 12.03 -18.36 6.16
CA GLY A 219 11.78 -19.12 4.96
C GLY A 219 11.79 -20.61 5.18
N GLY A 220 11.83 -21.36 4.09
CA GLY A 220 11.92 -22.82 4.18
C GLY A 220 13.25 -23.37 4.72
N GLY A 221 14.36 -22.69 4.43
CA GLY A 221 15.67 -23.16 4.90
C GLY A 221 16.52 -22.11 5.60
N THR A 222 16.08 -20.84 5.57
CA THR A 222 16.89 -19.72 6.07
C THR A 222 16.04 -18.72 6.84
N PHE A 223 16.67 -18.05 7.78
CA PHE A 223 16.03 -17.05 8.61
C PHE A 223 16.82 -15.75 8.51
N ASP A 224 16.18 -14.71 7.95
CA ASP A 224 16.81 -13.40 7.70
C ASP A 224 16.02 -12.31 8.41
N VAL A 225 16.69 -11.54 9.24
CA VAL A 225 16.09 -10.36 9.84
C VAL A 225 16.84 -9.17 9.29
N SER A 226 16.10 -8.15 8.83
CA SER A 226 16.70 -6.93 8.31
C SER A 226 16.05 -5.71 8.89
N LEU A 227 16.86 -4.70 9.18
CA LEU A 227 16.35 -3.41 9.60
C LEU A 227 16.54 -2.46 8.44
N LEU A 228 15.41 -2.00 7.91
CA LEU A 228 15.42 -1.05 6.82
C LEU A 228 15.00 0.32 7.34
N THR A 229 15.65 1.39 6.84
CA THR A 229 15.06 2.74 6.96
C THR A 229 14.48 3.11 5.62
N ILE A 230 13.37 3.82 5.65
CA ILE A 230 12.73 4.31 4.45
C ILE A 230 12.57 5.83 4.63
N ASP A 231 13.01 6.59 3.63
CA ASP A 231 13.03 8.04 3.70
C ASP A 231 12.55 8.52 2.35
N ASN A 232 11.29 8.94 2.29
CA ASN A 232 10.71 9.49 1.07
C ASN A 232 10.98 8.64 -0.18
N GLY A 233 10.69 7.34 -0.07
CA GLY A 233 10.85 6.41 -1.17
C GLY A 233 12.20 5.75 -1.32
N VAL A 234 13.21 6.21 -0.56
CA VAL A 234 14.55 5.61 -0.62
C VAL A 234 14.85 4.68 0.57
N PHE A 235 15.23 3.44 0.27
CA PHE A 235 15.55 2.42 1.30
C PHE A 235 17.03 2.34 1.59
N GLU A 236 17.36 2.13 2.86
CA GLU A 236 18.71 1.72 3.23
C GLU A 236 18.57 0.48 4.12
N VAL A 237 19.31 -0.57 3.78
CA VAL A 237 19.47 -1.71 4.68
C VAL A 237 20.55 -1.38 5.69
N VAL A 238 20.15 -1.18 6.95
CA VAL A 238 21.05 -0.70 8.00
C VAL A 238 21.83 -1.84 8.64
N ALA A 239 21.14 -2.96 8.86
CA ALA A 239 21.72 -4.10 9.51
C ALA A 239 20.93 -5.36 9.16
N THR A 240 21.62 -6.49 9.16
CA THR A 240 21.01 -7.78 8.88
C THR A 240 21.58 -8.84 9.84
N ASN A 241 20.74 -9.81 10.17
CA ASN A 241 21.17 -10.93 11.01
C ASN A 241 20.24 -12.10 10.74
N GLY A 242 20.32 -13.13 11.56
CA GLY A 242 19.46 -14.29 11.38
C GLY A 242 20.24 -15.56 11.55
N ASP A 243 19.80 -16.61 10.87
CA ASP A 243 20.44 -17.92 10.96
C ASP A 243 20.33 -18.54 9.59
N THR A 244 21.48 -18.80 8.97
CA THR A 244 21.52 -19.27 7.58
C THR A 244 20.95 -20.69 7.41
N HIS A 245 20.81 -21.43 8.52
CA HIS A 245 20.32 -22.82 8.48
C HIS A 245 19.18 -23.11 9.47
N LEU A 246 18.24 -22.18 9.52
CA LEU A 246 17.01 -22.33 10.28
C LEU A 246 15.86 -21.95 9.38
N GLY A 247 14.92 -22.86 9.21
CA GLY A 247 13.71 -22.52 8.49
C GLY A 247 12.63 -23.55 8.68
N GLY A 248 11.56 -23.37 7.93
CA GLY A 248 10.42 -24.28 8.01
C GLY A 248 10.77 -25.76 7.94
N GLU A 249 11.76 -26.12 7.14
CA GLU A 249 12.12 -27.53 6.96
C GLU A 249 12.69 -28.12 8.25
N ASP A 250 13.29 -27.28 9.07
CA ASP A 250 13.84 -27.73 10.34
C ASP A 250 12.73 -28.08 11.31
N PHE A 251 11.60 -27.37 11.23
CA PHE A 251 10.43 -27.69 12.03
C PHE A 251 9.82 -29.02 11.61
N ASP A 252 9.77 -29.28 10.32
CA ASP A 252 9.33 -30.58 9.80
C ASP A 252 10.23 -31.71 10.32
N GLN A 253 11.53 -31.50 10.24
CA GLN A 253 12.49 -32.52 10.67
C GLN A 253 12.32 -32.88 12.16
N ARG A 254 11.98 -31.90 12.99
CA ARG A 254 11.71 -32.18 14.41
C ARG A 254 10.52 -33.12 14.57
N VAL A 255 9.51 -32.89 13.76
CA VAL A 255 8.32 -33.70 13.79
C VAL A 255 8.62 -35.09 13.21
N MET A 256 9.43 -35.13 12.14
N MET A 256 9.44 -35.15 12.17
CA MET A 256 9.89 -36.38 11.54
CA MET A 256 9.81 -36.43 11.56
C MET A 256 10.54 -37.25 12.58
C MET A 256 10.57 -37.29 12.56
N GLU A 257 11.53 -36.70 13.26
CA GLU A 257 12.29 -37.41 14.30
C GLU A 257 11.37 -37.97 15.39
N HIS A 258 10.41 -37.15 15.80
CA HIS A 258 9.37 -37.57 16.74
C HIS A 258 8.62 -38.82 16.24
N PHE A 259 8.16 -38.81 15.00
CA PHE A 259 7.35 -39.94 14.49
C PHE A 259 8.16 -41.17 14.11
N ILE A 260 9.41 -40.99 13.69
CA ILE A 260 10.32 -42.12 13.48
C ILE A 260 10.58 -42.83 14.81
N LYS A 261 10.83 -42.05 15.85
CA LYS A 261 11.07 -42.59 17.19
C LYS A 261 9.82 -43.31 17.74
N LEU A 262 8.64 -42.71 17.56
CA LEU A 262 7.38 -43.33 18.02
C LEU A 262 7.11 -44.64 17.28
N TYR A 263 7.30 -44.61 15.98
CA TYR A 263 7.08 -45.80 15.16
C TYR A 263 8.01 -46.96 15.57
N LYS A 264 9.28 -46.65 15.85
CA LYS A 264 10.24 -47.68 16.27
C LYS A 264 9.85 -48.26 17.63
N LYS A 265 9.33 -47.39 18.50
CA LYS A 265 8.83 -47.82 19.80
C LYS A 265 7.62 -48.73 19.66
N LYS A 266 6.65 -48.33 18.84
CA LYS A 266 5.41 -49.07 18.66
C LYS A 266 5.61 -50.38 17.91
N THR A 267 6.46 -50.36 16.89
CA THR A 267 6.55 -51.46 15.92
C THR A 267 7.88 -52.22 15.94
N GLY A 268 8.95 -51.57 16.39
CA GLY A 268 10.28 -52.19 16.40
C GLY A 268 11.11 -51.88 15.16
N LYS A 269 10.49 -51.23 14.17
CA LYS A 269 11.13 -50.99 12.88
C LYS A 269 11.72 -49.58 12.84
N ASP A 270 12.91 -49.44 12.25
CA ASP A 270 13.52 -48.14 11.97
C ASP A 270 13.33 -47.86 10.49
N VAL A 271 12.43 -46.96 10.19
CA VAL A 271 12.04 -46.70 8.81
C VAL A 271 13.08 -45.95 7.96
N ARG A 272 14.10 -45.37 8.59
CA ARG A 272 15.11 -44.61 7.85
C ARG A 272 15.87 -45.46 6.84
N LYS A 273 15.76 -46.79 6.96
CA LYS A 273 16.31 -47.74 5.98
C LYS A 273 15.70 -47.60 4.57
N ASP A 274 14.51 -47.01 4.48
CA ASP A 274 13.74 -46.94 3.23
C ASP A 274 13.53 -45.46 2.86
N ASN A 275 14.28 -44.96 1.87
CA ASN A 275 14.20 -43.56 1.44
C ASN A 275 12.77 -43.14 1.09
N ARG A 276 12.05 -44.00 0.36
CA ARG A 276 10.65 -43.71 -0.04
C ARG A 276 9.72 -43.56 1.15
N ALA A 277 9.93 -44.37 2.19
CA ALA A 277 9.12 -44.26 3.41
C ALA A 277 9.36 -42.91 4.11
N VAL A 278 10.62 -42.49 4.23
CA VAL A 278 10.94 -41.18 4.83
C VAL A 278 10.30 -40.04 4.01
N GLN A 279 10.39 -40.13 2.69
CA GLN A 279 9.79 -39.12 1.78
C GLN A 279 8.26 -39.03 1.94
N LYS A 280 7.59 -40.19 2.07
CA LYS A 280 6.14 -40.22 2.29
C LYS A 280 5.81 -39.54 3.61
N LEU A 281 6.56 -39.88 4.66
CA LEU A 281 6.36 -39.24 5.95
C LEU A 281 6.62 -37.73 5.89
N ARG A 282 7.71 -37.31 5.26
CA ARG A 282 8.00 -35.86 5.13
C ARG A 282 6.86 -35.10 4.46
N ARG A 283 6.33 -35.67 3.39
CA ARG A 283 5.25 -35.03 2.65
C ARG A 283 4.03 -34.81 3.55
N GLU A 284 3.66 -35.85 4.30
CA GLU A 284 2.50 -35.76 5.17
C GLU A 284 2.78 -34.83 6.35
N VAL A 285 4.01 -34.83 6.87
CA VAL A 285 4.40 -33.91 7.93
C VAL A 285 4.29 -32.45 7.49
N GLU A 286 4.80 -32.13 6.31
CA GLU A 286 4.66 -30.78 5.74
C GLU A 286 3.19 -30.35 5.69
N LYS A 287 2.33 -31.22 5.14
CA LYS A 287 0.89 -30.99 5.07
C LYS A 287 0.24 -30.79 6.46
N ALA A 288 0.59 -31.65 7.42
CA ALA A 288 0.08 -31.52 8.81
C ALA A 288 0.51 -30.21 9.45
N LYS A 289 1.78 -29.86 9.30
CA LYS A 289 2.32 -28.60 9.80
C LYS A 289 1.53 -27.40 9.33
N ARG A 290 1.23 -27.35 8.03
CA ARG A 290 0.39 -26.28 7.49
C ARG A 290 -1.00 -26.29 8.08
N ALA A 291 -1.59 -27.47 8.19
CA ALA A 291 -2.95 -27.63 8.74
C ALA A 291 -3.01 -27.09 10.17
N LEU A 292 -1.92 -27.28 10.91
CA LEU A 292 -1.81 -26.83 12.30
C LEU A 292 -1.69 -25.31 12.48
N SER A 293 -1.49 -24.56 11.40
CA SER A 293 -1.62 -23.11 11.48
C SER A 293 -3.05 -22.62 11.59
N SER A 294 -4.03 -23.47 11.27
CA SER A 294 -5.45 -23.10 11.34
C SER A 294 -6.34 -24.11 12.10
N GLN A 295 -5.74 -25.18 12.62
CA GLN A 295 -6.42 -26.20 13.41
C GLN A 295 -5.54 -26.59 14.59
N HIS A 296 -6.16 -27.19 15.63
CA HIS A 296 -5.39 -27.57 16.83
C HIS A 296 -4.86 -29.01 16.80
N GLN A 297 -5.25 -29.76 15.79
CA GLN A 297 -4.69 -31.08 15.56
C GLN A 297 -4.83 -31.45 14.08
N ALA A 298 -4.09 -32.47 13.67
CA ALA A 298 -4.06 -32.90 12.27
C ALA A 298 -3.70 -34.38 12.19
N ARG A 299 -4.28 -35.10 11.24
CA ARG A 299 -4.01 -36.54 11.10
C ARG A 299 -2.97 -36.79 10.00
N ILE A 300 -2.02 -37.66 10.31
CA ILE A 300 -1.02 -38.11 9.36
C ILE A 300 -1.33 -39.57 9.11
N GLU A 301 -1.69 -39.87 7.87
CA GLU A 301 -2.10 -41.18 7.46
C GLU A 301 -1.28 -41.56 6.23
N ILE A 302 -0.63 -42.73 6.27
CA ILE A 302 0.16 -43.21 5.15
C ILE A 302 -0.13 -44.68 4.93
N GLU A 303 -0.65 -44.99 3.74
CA GLU A 303 -0.91 -46.36 3.33
C GLU A 303 0.43 -47.02 2.95
N SER A 304 0.63 -48.27 3.37
CA SER A 304 1.85 -49.03 3.04
C SER A 304 3.11 -48.20 3.29
N PHE A 305 3.22 -47.72 4.53
CA PHE A 305 4.31 -46.84 4.94
C PHE A 305 5.65 -47.54 4.92
N TYR A 306 5.73 -48.68 5.61
CA TYR A 306 6.99 -49.41 5.74
C TYR A 306 6.73 -50.91 5.81
N GLU A 307 7.41 -51.68 4.98
CA GLU A 307 7.18 -53.13 4.91
C GLU A 307 5.70 -53.50 4.82
N GLY A 308 4.94 -52.73 4.04
CA GLY A 308 3.53 -53.02 3.80
C GLY A 308 2.54 -52.65 4.91
N GLU A 309 3.01 -51.97 5.95
CA GLU A 309 2.16 -51.63 7.10
C GLU A 309 1.75 -50.16 7.01
N ASP A 310 0.50 -49.90 7.40
CA ASP A 310 -0.07 -48.55 7.36
C ASP A 310 0.36 -47.73 8.57
N PHE A 311 0.49 -46.42 8.37
CA PHE A 311 0.85 -45.50 9.42
C PHE A 311 -0.35 -44.54 9.60
N SER A 312 -0.77 -44.35 10.85
CA SER A 312 -1.80 -43.37 11.14
C SER A 312 -1.58 -42.83 12.55
N GLU A 313 -1.29 -41.53 12.64
CA GLU A 313 -1.06 -40.85 13.90
C GLU A 313 -1.62 -39.45 13.85
N THR A 314 -1.90 -38.89 15.01
CA THR A 314 -2.34 -37.50 15.11
C THR A 314 -1.23 -36.66 15.74
N LEU A 315 -1.13 -35.43 15.28
CA LEU A 315 -0.22 -34.45 15.84
C LEU A 315 -1.03 -33.24 16.29
N THR A 316 -0.91 -32.88 17.56
CA THR A 316 -1.59 -31.70 18.09
C THR A 316 -0.69 -30.48 17.91
N ARG A 317 -1.29 -29.30 17.86
CA ARG A 317 -0.52 -28.07 17.82
C ARG A 317 0.41 -27.92 19.04
N ALA A 318 -0.07 -28.34 20.22
CA ALA A 318 0.74 -28.29 21.44
C ALA A 318 2.04 -29.10 21.31
N LYS A 319 1.91 -30.32 20.79
CA LYS A 319 3.08 -31.18 20.57
C LYS A 319 4.00 -30.60 19.50
N PHE A 320 3.44 -30.09 18.41
CA PHE A 320 4.24 -29.41 17.38
C PHE A 320 5.07 -28.28 17.97
N GLU A 321 4.42 -27.46 18.76
CA GLU A 321 5.06 -26.36 19.45
C GLU A 321 6.13 -26.85 20.45
N GLU A 322 5.80 -27.88 21.23
CA GLU A 322 6.76 -28.39 22.20
C GLU A 322 8.00 -28.89 21.50
N LEU A 323 7.80 -29.61 20.41
CA LEU A 323 8.92 -30.19 19.65
C LEU A 323 9.88 -29.16 19.02
N ASN A 324 9.41 -27.95 18.84
CA ASN A 324 10.15 -26.89 18.18
C ASN A 324 10.37 -25.63 19.03
N MET A 325 9.99 -25.67 20.31
CA MET A 325 9.95 -24.43 21.08
C MET A 325 11.31 -23.74 21.13
N ASP A 326 12.38 -24.51 21.31
CA ASP A 326 13.73 -23.94 21.30
C ASP A 326 14.03 -23.22 19.96
N LEU A 327 13.67 -23.85 18.84
CA LEU A 327 13.89 -23.26 17.52
C LEU A 327 13.09 -21.98 17.34
N PHE A 328 11.82 -22.00 17.71
CA PHE A 328 10.97 -20.80 17.62
C PHE A 328 11.59 -19.70 18.48
N ARG A 329 11.93 -20.01 19.72
CA ARG A 329 12.49 -18.98 20.63
C ARG A 329 13.83 -18.41 20.14
N SER A 330 14.62 -19.22 19.43
CA SER A 330 15.93 -18.79 18.91
C SER A 330 15.83 -17.66 17.86
N THR A 331 14.64 -17.46 17.28
CA THR A 331 14.46 -16.39 16.29
C THR A 331 14.54 -14.99 16.89
N MET A 332 14.40 -14.87 18.21
CA MET A 332 14.36 -13.56 18.87
C MET A 332 15.73 -12.92 19.02
N LYS A 333 16.76 -13.73 19.24
CA LYS A 333 18.09 -13.15 19.51
C LYS A 333 18.65 -12.37 18.30
N PRO A 334 18.52 -12.89 17.08
CA PRO A 334 18.84 -12.10 15.86
C PRO A 334 18.09 -10.77 15.72
N VAL A 335 16.85 -10.72 16.19
CA VAL A 335 16.11 -9.46 16.19
C VAL A 335 16.77 -8.48 17.14
N GLN A 336 17.10 -8.94 18.34
CA GLN A 336 17.77 -8.09 19.28
C GLN A 336 19.10 -7.59 18.71
N LYS A 337 19.82 -8.46 18.00
CA LYS A 337 21.12 -8.07 17.45
C LYS A 337 20.96 -7.01 16.35
N VAL A 338 19.94 -7.11 15.54
CA VAL A 338 19.76 -6.14 14.44
C VAL A 338 19.40 -4.77 14.99
N LEU A 339 18.62 -4.75 16.08
CA LEU A 339 18.26 -3.48 16.75
C LEU A 339 19.50 -2.83 17.31
N GLU A 340 20.28 -3.61 18.08
CA GLU A 340 21.54 -3.12 18.62
C GLU A 340 22.43 -2.57 17.52
N ASP A 341 22.62 -3.33 16.44
CA ASP A 341 23.49 -2.88 15.35
C ASP A 341 22.96 -1.63 14.59
N SER A 342 21.64 -1.40 14.64
CA SER A 342 21.02 -0.24 14.00
C SER A 342 20.91 0.96 14.98
N ASP A 343 21.38 0.77 16.21
CA ASP A 343 21.26 1.77 17.27
C ASP A 343 19.81 2.22 17.52
N LEU A 344 18.91 1.24 17.55
CA LEU A 344 17.49 1.46 17.79
C LEU A 344 17.03 0.62 18.97
N LYS A 345 15.95 1.07 19.62
CA LYS A 345 15.26 0.27 20.63
C LYS A 345 14.00 -0.29 19.98
N LYS A 346 13.37 -1.25 20.65
CA LYS A 346 12.14 -1.86 20.16
C LYS A 346 11.11 -0.81 19.75
N SER A 347 10.95 0.23 20.57
CA SER A 347 9.91 1.23 20.37
C SER A 347 10.16 2.15 19.17
N ASP A 348 11.36 2.08 18.57
CA ASP A 348 11.68 2.85 17.37
C ASP A 348 11.19 2.16 16.08
N ILE A 349 10.74 0.91 16.19
CA ILE A 349 10.29 0.16 15.02
C ILE A 349 8.85 0.59 14.68
N ASP A 350 8.70 1.09 13.46
CA ASP A 350 7.42 1.64 13.00
C ASP A 350 6.56 0.56 12.36
N GLU A 351 7.19 -0.39 11.71
CA GLU A 351 6.49 -1.48 11.02
C GLU A 351 7.28 -2.76 11.14
N ILE A 352 6.57 -3.87 11.37
CA ILE A 352 7.15 -5.20 11.36
C ILE A 352 6.51 -5.94 10.19
N VAL A 353 7.34 -6.41 9.27
CA VAL A 353 6.85 -7.07 8.06
C VAL A 353 7.27 -8.52 8.11
N LEU A 354 6.28 -9.42 8.07
CA LEU A 354 6.52 -10.85 8.18
C LEU A 354 6.62 -11.43 6.78
N VAL A 355 7.65 -12.21 6.58
CA VAL A 355 7.91 -12.86 5.32
C VAL A 355 8.18 -14.35 5.56
N GLY A 356 7.66 -15.18 4.65
CA GLY A 356 7.79 -16.63 4.77
C GLY A 356 6.58 -17.30 5.39
N GLY A 357 6.20 -18.45 4.82
CA GLY A 357 5.02 -19.16 5.31
C GLY A 357 5.12 -19.58 6.78
N SER A 358 6.34 -19.84 7.26
CA SER A 358 6.54 -20.16 8.69
C SER A 358 6.07 -19.07 9.63
N THR A 359 6.02 -17.83 9.16
CA THR A 359 5.46 -16.76 9.98
C THR A 359 3.92 -16.87 10.17
N ARG A 360 3.26 -17.80 9.49
CA ARG A 360 1.82 -18.09 9.74
C ARG A 360 1.63 -18.99 10.97
N ILE A 361 2.71 -19.57 11.48
CA ILE A 361 2.64 -20.45 12.63
C ILE A 361 2.23 -19.55 13.80
N PRO A 362 1.07 -19.83 14.40
CA PRO A 362 0.55 -19.01 15.49
C PRO A 362 1.59 -18.72 16.57
N LYS A 363 2.39 -19.72 16.96
CA LYS A 363 3.38 -19.49 18.02
C LYS A 363 4.43 -18.46 17.61
N ILE A 364 4.84 -18.49 16.36
CA ILE A 364 5.83 -17.52 15.88
C ILE A 364 5.24 -16.09 15.92
N GLN A 365 4.02 -15.93 15.41
CA GLN A 365 3.37 -14.62 15.44
C GLN A 365 3.25 -14.11 16.88
N GLN A 366 2.86 -14.99 17.80
CA GLN A 366 2.78 -14.65 19.21
C GLN A 366 4.13 -14.18 19.75
N LEU A 367 5.19 -14.92 19.48
CA LEU A 367 6.53 -14.57 19.99
C LEU A 367 7.00 -13.22 19.45
N VAL A 368 6.73 -12.96 18.17
CA VAL A 368 7.10 -11.69 17.56
C VAL A 368 6.33 -10.51 18.19
N LYS A 369 5.02 -10.67 18.30
CA LYS A 369 4.18 -9.63 18.91
C LYS A 369 4.62 -9.37 20.35
N GLU A 370 4.89 -10.42 21.09
CA GLU A 370 5.30 -10.28 22.48
C GLU A 370 6.67 -9.62 22.59
N PHE A 371 7.59 -9.96 21.70
CA PHE A 371 8.89 -9.30 21.67
C PHE A 371 8.73 -7.78 21.51
N PHE A 372 7.81 -7.36 20.65
CA PHE A 372 7.54 -5.93 20.42
C PHE A 372 6.39 -5.38 21.29
N ASN A 373 6.23 -5.97 22.48
CA ASN A 373 5.30 -5.49 23.49
C ASN A 373 3.89 -5.19 22.97
N GLY A 374 3.40 -6.06 22.10
CA GLY A 374 2.01 -6.03 21.67
C GLY A 374 1.77 -5.45 20.29
N LYS A 375 2.82 -4.96 19.65
CA LYS A 375 2.68 -4.36 18.34
C LYS A 375 2.29 -5.45 17.33
N GLU A 376 1.22 -5.18 16.58
CA GLU A 376 0.75 -6.15 15.58
C GLU A 376 1.70 -6.17 14.38
N PRO A 377 2.32 -7.34 14.09
CA PRO A 377 3.19 -7.45 12.91
C PRO A 377 2.36 -7.71 11.68
N SER A 378 2.76 -7.09 10.56
CA SER A 378 1.93 -7.07 9.35
C SER A 378 2.03 -8.34 8.56
N ARG A 379 0.86 -8.89 8.25
CA ARG A 379 0.74 -10.13 7.51
C ARG A 379 -0.47 -10.14 6.53
N GLY A 380 -1.08 -8.96 6.28
CA GLY A 380 -2.27 -8.82 5.39
C GLY A 380 -2.03 -9.14 3.90
N ILE A 381 -0.77 -9.18 3.52
CA ILE A 381 -0.32 -9.74 2.26
C ILE A 381 0.28 -11.11 2.61
N ASN A 382 -0.11 -12.15 1.90
CA ASN A 382 0.44 -13.48 2.16
C ASN A 382 1.98 -13.41 2.30
N PRO A 383 2.52 -13.80 3.48
CA PRO A 383 3.98 -13.70 3.70
C PRO A 383 4.84 -14.49 2.71
N ASP A 384 4.30 -15.53 2.11
CA ASP A 384 5.03 -16.25 1.05
C ASP A 384 5.04 -15.56 -0.28
N GLU A 385 4.23 -14.53 -0.41
CA GLU A 385 4.04 -13.85 -1.70
C GLU A 385 4.54 -12.41 -1.69
N ALA A 386 4.73 -11.84 -0.50
CA ALA A 386 5.06 -10.43 -0.38
C ALA A 386 6.32 -10.01 -1.17
N VAL A 387 7.38 -10.82 -1.14
CA VAL A 387 8.61 -10.46 -1.88
C VAL A 387 8.33 -10.40 -3.40
N ALA A 388 7.66 -11.41 -3.94
CA ALA A 388 7.31 -11.40 -5.38
C ALA A 388 6.41 -10.22 -5.71
N TYR A 389 5.48 -9.91 -4.81
CA TYR A 389 4.55 -8.81 -5.01
C TYR A 389 5.32 -7.48 -5.20
N GLY A 390 6.27 -7.21 -4.31
CA GLY A 390 7.11 -5.99 -4.42
C GLY A 390 7.98 -6.00 -5.66
N ALA A 391 8.49 -7.18 -6.03
CA ALA A 391 9.25 -7.32 -7.27
C ALA A 391 8.36 -6.93 -8.44
N ALA A 392 7.11 -7.39 -8.41
CA ALA A 392 6.15 -7.09 -9.46
C ALA A 392 5.80 -5.60 -9.56
N VAL A 393 5.65 -4.95 -8.41
CA VAL A 393 5.42 -3.51 -8.35
C VAL A 393 6.55 -2.77 -9.10
N GLN A 394 7.80 -3.13 -8.78
N GLN A 394 7.79 -3.12 -8.80
CA GLN A 394 8.96 -2.53 -9.42
CA GLN A 394 8.92 -2.47 -9.43
C GLN A 394 9.02 -2.86 -10.90
C GLN A 394 9.07 -2.87 -10.90
N ALA A 395 8.72 -4.11 -11.23
CA ALA A 395 8.68 -4.56 -12.63
C ALA A 395 7.62 -3.80 -13.45
N GLY A 396 6.50 -3.44 -12.81
CA GLY A 396 5.44 -2.69 -13.52
C GLY A 396 5.90 -1.40 -14.17
N VAL A 397 6.77 -0.69 -13.47
CA VAL A 397 7.33 0.58 -13.93
C VAL A 397 8.27 0.41 -15.11
N LEU A 398 8.84 -0.76 -15.28
CA LEU A 398 9.77 -1.01 -16.39
C LEU A 398 9.12 -1.53 -17.66
N SER A 399 7.89 -2.04 -17.55
CA SER A 399 7.21 -2.68 -18.68
C SER A 399 6.94 -1.68 -19.82
N GLY A 400 7.07 -2.18 -21.05
CA GLY A 400 7.02 -1.33 -22.24
C GLY A 400 5.61 -0.86 -22.58
N ASP B 19 -13.44 1.68 -27.10
CA ASP B 19 -12.19 1.72 -26.28
C ASP B 19 -12.26 2.87 -25.29
N VAL B 20 -11.99 2.56 -24.03
CA VAL B 20 -12.03 3.58 -23.00
C VAL B 20 -10.74 4.40 -22.91
N GLY B 21 -9.71 4.01 -23.66
CA GLY B 21 -8.45 4.73 -23.65
C GLY B 21 -7.83 4.69 -22.25
N THR B 22 -7.17 5.79 -21.86
CA THR B 22 -6.62 5.92 -20.54
C THR B 22 -7.63 6.62 -19.60
N VAL B 23 -8.17 5.85 -18.65
CA VAL B 23 -9.20 6.32 -17.75
C VAL B 23 -8.51 7.14 -16.67
N VAL B 24 -9.06 8.29 -16.34
CA VAL B 24 -8.52 9.12 -15.25
C VAL B 24 -9.37 8.98 -14.00
N GLY B 25 -8.73 9.25 -12.85
CA GLY B 25 -9.41 9.30 -11.56
C GLY B 25 -9.49 10.72 -11.05
N ILE B 26 -10.71 11.18 -10.77
CA ILE B 26 -10.92 12.56 -10.36
C ILE B 26 -11.62 12.65 -9.02
N ASP B 27 -11.00 13.39 -8.11
CA ASP B 27 -11.63 13.85 -6.89
C ASP B 27 -12.21 15.22 -7.17
N LEU B 28 -13.54 15.27 -7.28
CA LEU B 28 -14.26 16.51 -7.53
C LEU B 28 -14.72 17.03 -6.16
N GLY B 29 -13.91 17.90 -5.58
CA GLY B 29 -14.14 18.36 -4.23
C GLY B 29 -14.91 19.65 -4.10
N THR B 30 -15.36 19.92 -2.89
CA THR B 30 -16.15 21.11 -2.64
C THR B 30 -15.30 22.38 -2.88
N THR B 31 -14.06 22.35 -2.38
N THR B 31 -14.06 22.36 -2.39
CA THR B 31 -13.12 23.48 -2.46
CA THR B 31 -13.16 23.52 -2.48
C THR B 31 -11.98 23.24 -3.45
C THR B 31 -11.93 23.26 -3.41
N TYR B 32 -11.45 22.01 -3.45
CA TYR B 32 -10.36 21.64 -4.34
C TYR B 32 -10.63 20.33 -5.07
N SER B 33 -10.05 20.20 -6.27
CA SER B 33 -10.18 19.00 -7.08
C SER B 33 -8.79 18.53 -7.51
N CYS B 34 -8.69 17.26 -7.89
CA CYS B 34 -7.42 16.60 -8.12
C CYS B 34 -7.64 15.45 -9.10
N VAL B 35 -6.70 15.26 -10.03
CA VAL B 35 -6.78 14.23 -11.03
C VAL B 35 -5.50 13.38 -11.04
N GLY B 36 -5.70 12.06 -11.11
CA GLY B 36 -4.62 11.12 -11.20
C GLY B 36 -4.86 10.15 -12.32
N VAL B 37 -3.79 9.49 -12.74
CA VAL B 37 -3.84 8.48 -13.79
C VAL B 37 -2.83 7.38 -13.54
N PHE B 38 -3.17 6.16 -13.93
CA PHE B 38 -2.26 5.04 -13.84
C PHE B 38 -1.51 4.99 -15.14
N LYS B 39 -0.21 5.30 -15.11
CA LYS B 39 0.59 5.29 -16.30
C LYS B 39 1.96 4.71 -16.02
N ASN B 40 2.46 3.90 -16.95
CA ASN B 40 3.76 3.26 -16.79
C ASN B 40 3.90 2.57 -15.44
N GLY B 41 2.86 1.84 -15.06
CA GLY B 41 2.91 0.97 -13.91
C GLY B 41 2.72 1.58 -12.53
N ARG B 42 2.27 2.84 -12.45
CA ARG B 42 1.95 3.46 -11.16
C ARG B 42 1.00 4.64 -11.31
N VAL B 43 0.38 5.04 -10.20
CA VAL B 43 -0.45 6.21 -10.19
C VAL B 43 0.40 7.48 -10.16
N GLU B 44 0.06 8.41 -11.03
CA GLU B 44 0.68 9.73 -11.10
C GLU B 44 -0.38 10.76 -10.84
N ILE B 45 -0.14 11.64 -9.88
CA ILE B 45 -1.02 12.77 -9.66
C ILE B 45 -0.53 13.88 -10.57
N ILE B 46 -1.45 14.46 -11.33
CA ILE B 46 -1.09 15.37 -12.43
C ILE B 46 -1.15 16.83 -12.03
N ALA B 47 -0.05 17.57 -12.23
CA ALA B 47 -0.03 19.01 -11.98
C ALA B 47 -0.75 19.79 -13.08
N ASN B 48 -1.48 20.83 -12.71
CA ASN B 48 -2.15 21.70 -13.68
C ASN B 48 -1.18 22.69 -14.35
N ASP B 49 -1.68 23.57 -15.20
CA ASP B 49 -0.80 24.48 -15.91
C ASP B 49 -0.16 25.58 -15.03
N GLN B 50 -0.63 25.72 -13.79
CA GLN B 50 0.02 26.61 -12.83
C GLN B 50 1.02 25.89 -11.95
N GLY B 51 1.21 24.59 -12.21
CA GLY B 51 2.16 23.77 -11.46
C GLY B 51 1.60 23.15 -10.17
N ASN B 52 0.28 23.21 -10.00
CA ASN B 52 -0.36 22.74 -8.78
C ASN B 52 -1.02 21.37 -8.95
N ARG B 53 -0.78 20.48 -7.99
CA ARG B 53 -1.38 19.13 -8.02
C ARG B 53 -2.83 19.11 -7.52
N ILE B 54 -3.31 20.23 -6.97
CA ILE B 54 -4.75 20.40 -6.72
C ILE B 54 -5.21 21.70 -7.38
N THR B 55 -6.48 21.74 -7.79
CA THR B 55 -7.09 22.84 -8.50
C THR B 55 -8.35 23.30 -7.74
N PRO B 56 -8.42 24.59 -7.37
CA PRO B 56 -9.64 25.14 -6.78
C PRO B 56 -10.89 24.86 -7.62
N SER B 57 -11.94 24.40 -6.99
CA SER B 57 -13.18 24.13 -7.67
C SER B 57 -13.96 25.46 -7.83
N TYR B 58 -13.33 26.40 -8.56
CA TYR B 58 -13.82 27.76 -8.74
C TYR B 58 -13.94 28.09 -10.22
N VAL B 59 -14.98 28.82 -10.57
CA VAL B 59 -15.18 29.33 -11.92
C VAL B 59 -15.58 30.80 -11.85
N ALA B 60 -14.93 31.64 -12.64
CA ALA B 60 -15.21 33.06 -12.61
C ALA B 60 -15.50 33.55 -14.01
N PHE B 61 -16.44 34.48 -14.09
CA PHE B 61 -16.86 35.09 -15.35
C PHE B 61 -16.53 36.56 -15.29
N THR B 62 -15.69 37.02 -16.22
CA THR B 62 -15.21 38.40 -16.23
C THR B 62 -16.07 39.31 -17.12
N PRO B 63 -16.00 40.64 -16.91
CA PRO B 63 -16.63 41.67 -17.76
C PRO B 63 -16.48 41.50 -19.30
N GLU B 64 -15.54 40.65 -19.74
CA GLU B 64 -15.09 40.64 -21.13
C GLU B 64 -15.39 39.33 -21.88
N GLY B 65 -16.21 38.47 -21.27
CA GLY B 65 -16.52 37.17 -21.84
C GLY B 65 -15.49 36.10 -21.48
N GLU B 66 -14.55 36.45 -20.60
CA GLU B 66 -13.52 35.52 -20.16
C GLU B 66 -14.12 34.59 -19.09
N ARG B 67 -13.87 33.30 -19.22
CA ARG B 67 -14.27 32.34 -18.23
C ARG B 67 -12.98 31.79 -17.67
N LEU B 68 -12.79 31.91 -16.36
CA LEU B 68 -11.57 31.48 -15.71
C LEU B 68 -11.89 30.28 -14.81
N ILE B 69 -11.00 29.29 -14.77
CA ILE B 69 -11.23 28.09 -13.95
C ILE B 69 -10.04 27.79 -13.11
N GLY B 70 -10.30 27.51 -11.84
CA GLY B 70 -9.27 27.09 -10.92
C GLY B 70 -8.57 28.23 -10.21
N ASP B 71 -7.26 28.16 -10.22
CA ASP B 71 -6.43 29.10 -9.54
C ASP B 71 -6.71 30.54 -10.01
N ALA B 72 -6.80 30.73 -11.33
CA ALA B 72 -7.05 32.06 -11.89
C ALA B 72 -8.40 32.63 -11.42
N ALA B 73 -9.39 31.76 -11.28
CA ALA B 73 -10.71 32.17 -10.78
C ALA B 73 -10.62 32.54 -9.31
N LYS B 74 -10.02 31.67 -8.51
CA LYS B 74 -9.95 31.88 -7.07
C LYS B 74 -9.20 33.18 -6.73
N ASN B 75 -8.15 33.49 -7.49
CA ASN B 75 -7.31 34.67 -7.23
C ASN B 75 -7.90 36.04 -7.58
N GLN B 76 -9.01 36.10 -8.29
CA GLN B 76 -9.67 37.40 -8.54
C GLN B 76 -11.01 37.54 -7.80
N LEU B 77 -11.27 36.58 -6.91
CA LEU B 77 -12.52 36.54 -6.17
C LEU B 77 -12.94 37.89 -5.57
N THR B 78 -12.02 38.57 -4.91
CA THR B 78 -12.38 39.81 -4.22
C THR B 78 -12.68 40.97 -5.18
N SER B 79 -12.13 40.91 -6.39
CA SER B 79 -12.42 41.91 -7.41
C SER B 79 -13.74 41.65 -8.15
N ASN B 80 -14.29 40.45 -8.01
CA ASN B 80 -15.45 40.02 -8.79
C ASN B 80 -16.32 39.05 -7.99
N PRO B 81 -16.72 39.45 -6.76
CA PRO B 81 -17.33 38.52 -5.81
C PRO B 81 -18.67 37.92 -6.29
N GLU B 82 -19.41 38.68 -7.08
CA GLU B 82 -20.74 38.25 -7.53
C GLU B 82 -20.71 37.25 -8.70
N ASN B 83 -19.63 37.25 -9.47
CA ASN B 83 -19.49 36.38 -10.65
C ASN B 83 -18.34 35.37 -10.55
N THR B 84 -17.98 35.05 -9.30
CA THR B 84 -17.01 34.01 -9.00
C THR B 84 -17.76 32.92 -8.25
N VAL B 85 -17.93 31.77 -8.90
CA VAL B 85 -18.72 30.67 -8.37
C VAL B 85 -17.81 29.59 -7.75
N PHE B 86 -18.22 29.11 -6.59
CA PHE B 86 -17.56 28.02 -5.88
C PHE B 86 -18.66 27.27 -5.09
N ASP B 87 -18.28 26.23 -4.34
CA ASP B 87 -19.24 25.47 -3.53
C ASP B 87 -20.46 24.91 -4.34
N ALA B 88 -20.33 24.74 -5.65
CA ALA B 88 -21.42 24.17 -6.45
C ALA B 88 -21.77 22.74 -5.96
N LYS B 89 -20.80 22.07 -5.35
CA LYS B 89 -21.03 20.72 -4.83
C LYS B 89 -22.08 20.71 -3.72
N ARG B 90 -22.26 21.84 -3.04
CA ARG B 90 -23.31 21.97 -2.02
C ARG B 90 -24.72 21.94 -2.63
N LEU B 91 -24.81 22.26 -3.92
CA LEU B 91 -26.06 22.43 -4.61
C LEU B 91 -26.37 21.30 -5.59
N ILE B 92 -25.34 20.61 -6.06
CA ILE B 92 -25.47 19.62 -7.13
C ILE B 92 -26.45 18.48 -6.74
N GLY B 93 -27.36 18.13 -7.65
CA GLY B 93 -28.31 17.03 -7.42
C GLY B 93 -29.39 17.33 -6.39
N ARG B 94 -29.56 18.59 -6.01
CA ARG B 94 -30.62 18.99 -5.09
C ARG B 94 -31.61 19.87 -5.81
N THR B 95 -32.83 19.89 -5.30
CA THR B 95 -33.86 20.76 -5.82
C THR B 95 -33.76 22.16 -5.18
N TRP B 96 -34.29 23.15 -5.86
CA TRP B 96 -34.32 24.53 -5.35
C TRP B 96 -34.91 24.62 -3.94
N ASN B 97 -36.02 23.92 -3.71
CA ASN B 97 -36.71 24.00 -2.42
C ASN B 97 -36.18 23.08 -1.32
N ASP B 98 -35.15 22.31 -1.63
CA ASP B 98 -34.45 21.51 -0.62
C ASP B 98 -34.03 22.46 0.52
N PRO B 99 -34.46 22.17 1.78
CA PRO B 99 -34.07 23.00 2.91
C PRO B 99 -32.57 23.28 2.99
N SER B 100 -31.73 22.31 2.62
CA SER B 100 -30.28 22.48 2.65
C SER B 100 -29.82 23.55 1.66
N VAL B 101 -30.45 23.57 0.50
CA VAL B 101 -30.16 24.57 -0.53
C VAL B 101 -30.61 25.93 -0.05
N GLN B 102 -31.83 26.00 0.46
CA GLN B 102 -32.36 27.28 0.96
C GLN B 102 -31.49 27.85 2.08
N GLN B 103 -30.91 26.98 2.92
CA GLN B 103 -29.96 27.46 3.93
C GLN B 103 -28.66 27.90 3.29
N ASP B 104 -28.11 27.07 2.40
CA ASP B 104 -26.78 27.32 1.83
C ASP B 104 -26.70 28.61 1.03
N ILE B 105 -27.75 28.89 0.27
CA ILE B 105 -27.71 30.07 -0.60
C ILE B 105 -27.66 31.40 0.19
N LYS B 106 -28.05 31.36 1.46
CA LYS B 106 -27.92 32.55 2.31
C LYS B 106 -26.46 32.97 2.51
N PHE B 107 -25.53 32.05 2.26
CA PHE B 107 -24.13 32.28 2.53
C PHE B 107 -23.29 32.44 1.27
N LEU B 108 -23.91 32.29 0.10
CA LEU B 108 -23.20 32.36 -1.17
C LEU B 108 -23.31 33.78 -1.75
N PRO B 109 -22.20 34.33 -2.22
CA PRO B 109 -22.20 35.73 -2.66
C PRO B 109 -22.76 35.91 -4.08
N PHE B 110 -22.85 34.83 -4.83
CA PHE B 110 -23.40 34.86 -6.19
C PHE B 110 -24.89 34.55 -6.12
N LYS B 111 -25.62 34.96 -7.14
CA LYS B 111 -27.06 34.76 -7.20
C LYS B 111 -27.40 33.33 -7.55
N VAL B 112 -28.38 32.79 -6.85
CA VAL B 112 -28.90 31.46 -7.16
C VAL B 112 -30.39 31.64 -7.29
N VAL B 113 -30.95 31.11 -8.38
CA VAL B 113 -32.35 31.32 -8.72
C VAL B 113 -33.01 29.98 -9.06
N GLU B 114 -34.32 29.91 -8.90
CA GLU B 114 -35.04 28.68 -9.23
C GLU B 114 -35.21 28.57 -10.74
N LYS B 115 -34.79 27.44 -11.32
CA LYS B 115 -35.06 27.19 -12.74
C LYS B 115 -35.17 25.70 -12.96
N LYS B 116 -36.21 25.25 -13.67
CA LYS B 116 -36.43 23.81 -13.90
C LYS B 116 -36.32 22.97 -12.62
N THR B 117 -36.89 23.52 -11.54
CA THR B 117 -36.93 22.90 -10.20
C THR B 117 -35.62 22.96 -9.42
N LYS B 118 -34.55 23.48 -10.04
CA LYS B 118 -33.22 23.42 -9.47
C LYS B 118 -32.66 24.79 -9.11
N PRO B 119 -31.62 24.85 -8.27
CA PRO B 119 -30.93 26.09 -7.98
C PRO B 119 -29.87 26.38 -9.05
N TYR B 120 -30.26 27.14 -10.06
CA TYR B 120 -29.33 27.61 -11.07
C TYR B 120 -28.51 28.82 -10.56
N ILE B 121 -27.26 28.91 -10.99
CA ILE B 121 -26.39 30.00 -10.64
C ILE B 121 -26.47 31.03 -11.75
N GLN B 122 -26.72 32.28 -11.39
CA GLN B 122 -26.89 33.36 -12.34
C GLN B 122 -25.67 34.28 -12.24
N VAL B 123 -25.05 34.58 -13.39
CA VAL B 123 -23.88 35.44 -13.41
C VAL B 123 -23.95 36.35 -14.60
N ASP B 124 -23.15 37.42 -14.55
CA ASP B 124 -22.96 38.29 -15.69
C ASP B 124 -21.69 37.81 -16.41
N ILE B 125 -21.80 37.63 -17.72
CA ILE B 125 -20.66 37.15 -18.53
C ILE B 125 -20.08 38.23 -19.45
N GLY B 126 -20.71 39.40 -19.51
CA GLY B 126 -20.27 40.49 -20.40
C GLY B 126 -21.43 41.30 -20.96
N GLN B 129 -24.60 40.55 -21.08
CA GLN B 129 -25.26 39.24 -21.05
C GLN B 129 -25.29 38.61 -19.64
N THR B 130 -26.46 38.14 -19.23
CA THR B 130 -26.62 37.35 -18.01
C THR B 130 -26.87 35.93 -18.45
N LYS B 131 -26.22 34.96 -17.78
CA LYS B 131 -26.46 33.54 -18.05
C LYS B 131 -26.74 32.79 -16.76
N THR B 132 -27.54 31.72 -16.86
CA THR B 132 -27.79 30.85 -15.72
C THR B 132 -27.22 29.46 -16.00
N PHE B 133 -26.60 28.88 -14.98
CA PHE B 133 -26.00 27.57 -15.09
C PHE B 133 -26.54 26.65 -14.00
N ALA B 134 -26.89 25.43 -14.38
CA ALA B 134 -27.20 24.40 -13.37
C ALA B 134 -25.93 24.12 -12.59
N PRO B 135 -26.08 23.69 -11.33
CA PRO B 135 -24.92 23.27 -10.57
C PRO B 135 -24.01 22.29 -11.33
N GLU B 136 -24.60 21.31 -12.02
CA GLU B 136 -23.80 20.33 -12.78
C GLU B 136 -23.05 20.96 -13.97
N GLU B 137 -23.55 22.08 -14.50
CA GLU B 137 -22.82 22.84 -15.52
C GLU B 137 -21.58 23.51 -14.96
N ILE B 138 -21.69 24.06 -13.76
CA ILE B 138 -20.51 24.62 -13.08
C ILE B 138 -19.50 23.49 -12.82
N SER B 139 -19.95 22.38 -12.25
CA SER B 139 -19.06 21.27 -11.97
C SER B 139 -18.46 20.70 -13.27
N ALA B 140 -19.19 20.79 -14.37
CA ALA B 140 -18.65 20.34 -15.66
C ALA B 140 -17.51 21.21 -16.10
N MET B 141 -17.53 22.48 -15.72
CA MET B 141 -16.44 23.37 -16.08
C MET B 141 -15.18 23.00 -15.29
N VAL B 142 -15.35 22.63 -14.02
CA VAL B 142 -14.22 22.16 -13.21
C VAL B 142 -13.69 20.83 -13.76
N LEU B 143 -14.59 19.90 -14.08
CA LEU B 143 -14.18 18.61 -14.71
C LEU B 143 -13.49 18.79 -16.04
N THR B 144 -13.93 19.76 -16.85
CA THR B 144 -13.27 20.07 -18.10
C THR B 144 -11.80 20.47 -17.86
N LYS B 145 -11.59 21.29 -16.86
CA LYS B 145 -10.25 21.74 -16.49
C LYS B 145 -9.39 20.55 -16.06
N MET B 146 -9.94 19.69 -15.23
CA MET B 146 -9.23 18.49 -14.77
C MET B 146 -8.92 17.58 -15.98
N LYS B 147 -9.86 17.47 -16.90
CA LYS B 147 -9.66 16.68 -18.15
C LYS B 147 -8.52 17.28 -19.00
N GLU B 148 -8.51 18.60 -19.15
CA GLU B 148 -7.45 19.27 -19.90
C GLU B 148 -6.09 19.11 -19.23
N THR B 149 -6.06 19.18 -17.90
CA THR B 149 -4.84 18.93 -17.14
C THR B 149 -4.27 17.52 -17.45
N ALA B 150 -5.12 16.51 -17.45
CA ALA B 150 -4.74 15.13 -17.80
C ALA B 150 -4.32 14.98 -19.26
N GLU B 151 -5.06 15.62 -20.16
CA GLU B 151 -4.76 15.54 -21.59
C GLU B 151 -3.39 16.16 -21.92
N ALA B 152 -3.08 17.28 -21.28
CA ALA B 152 -1.74 17.93 -21.40
C ALA B 152 -0.63 16.97 -21.00
N TYR B 153 -0.83 16.28 -19.88
CA TYR B 153 0.13 15.34 -19.35
C TYR B 153 0.27 14.09 -20.23
N LEU B 154 -0.86 13.52 -20.64
CA LEU B 154 -0.88 12.27 -21.42
C LEU B 154 -0.57 12.44 -22.89
N GLY B 155 -0.85 13.62 -23.43
CA GLY B 155 -0.63 13.87 -24.84
C GLY B 155 -1.65 13.14 -25.72
N LYS B 156 -2.85 12.96 -25.19
CA LYS B 156 -3.93 12.35 -25.93
C LYS B 156 -5.28 12.69 -25.31
N LYS B 157 -6.35 12.33 -26.01
CA LYS B 157 -7.69 12.65 -25.55
C LYS B 157 -8.04 11.76 -24.36
N VAL B 158 -8.73 12.32 -23.39
CA VAL B 158 -9.33 11.58 -22.28
C VAL B 158 -10.84 11.59 -22.48
N THR B 159 -11.45 10.40 -22.48
CA THR B 159 -12.90 10.23 -22.70
C THR B 159 -13.66 9.58 -21.54
N HIS B 160 -12.93 8.98 -20.60
CA HIS B 160 -13.54 8.18 -19.53
C HIS B 160 -12.90 8.48 -18.22
N ALA B 161 -13.69 8.40 -17.15
CA ALA B 161 -13.23 8.72 -15.80
C ALA B 161 -13.92 7.92 -14.70
N VAL B 162 -13.25 7.85 -13.57
CA VAL B 162 -13.81 7.45 -12.33
C VAL B 162 -13.89 8.74 -11.49
N VAL B 163 -15.05 9.07 -10.96
CA VAL B 163 -15.20 10.29 -10.17
C VAL B 163 -15.73 9.91 -8.79
N THR B 164 -15.19 10.58 -7.78
CA THR B 164 -15.55 10.33 -6.39
C THR B 164 -16.64 11.28 -5.87
N VAL B 165 -17.46 10.78 -4.95
CA VAL B 165 -18.48 11.58 -4.27
C VAL B 165 -18.48 11.27 -2.78
N PRO B 166 -19.01 12.18 -1.94
CA PRO B 166 -19.18 11.85 -0.54
C PRO B 166 -20.03 10.60 -0.37
N ALA B 167 -19.75 9.83 0.66
CA ALA B 167 -20.42 8.56 0.88
C ALA B 167 -21.92 8.77 1.11
N TYR B 168 -22.30 9.95 1.62
CA TYR B 168 -23.70 10.25 1.91
C TYR B 168 -24.48 10.71 0.69
N PHE B 169 -23.81 10.86 -0.46
CA PHE B 169 -24.52 11.30 -1.69
C PHE B 169 -25.63 10.32 -2.02
N ASN B 170 -26.78 10.85 -2.43
CA ASN B 170 -27.96 10.07 -2.76
C ASN B 170 -28.02 9.84 -4.26
N ASP B 171 -29.10 9.27 -4.76
CA ASP B 171 -29.21 8.89 -6.18
C ASP B 171 -29.09 10.11 -7.09
N ALA B 172 -29.81 11.18 -6.73
CA ALA B 172 -29.83 12.40 -7.54
C ALA B 172 -28.48 13.09 -7.60
N GLN B 173 -27.75 13.09 -6.46
CA GLN B 173 -26.42 13.70 -6.37
C GLN B 173 -25.40 12.93 -7.19
N ARG B 174 -25.47 11.60 -7.11
CA ARG B 174 -24.57 10.73 -7.90
C ARG B 174 -24.84 10.89 -9.41
N GLN B 175 -26.10 10.81 -9.81
CA GLN B 175 -26.48 11.03 -11.22
C GLN B 175 -26.08 12.42 -11.74
N ALA B 176 -26.26 13.46 -10.91
CA ALA B 176 -25.91 14.80 -11.32
C ALA B 176 -24.41 14.92 -11.53
N THR B 177 -23.64 14.14 -10.78
CA THR B 177 -22.18 14.13 -10.92
C THR B 177 -21.76 13.45 -12.24
N LYS B 178 -22.42 12.36 -12.58
CA LYS B 178 -22.21 11.74 -13.88
C LYS B 178 -22.61 12.69 -15.00
N ASP B 179 -23.71 13.42 -14.80
CA ASP B 179 -24.20 14.42 -15.77
C ASP B 179 -23.18 15.56 -16.00
N ALA B 180 -22.52 15.98 -14.93
CA ALA B 180 -21.44 16.98 -15.03
C ALA B 180 -20.32 16.42 -15.91
N GLY B 181 -20.00 15.14 -15.70
CA GLY B 181 -19.05 14.44 -16.56
C GLY B 181 -19.42 14.49 -18.02
N THR B 182 -20.66 14.12 -18.34
CA THR B 182 -21.13 14.09 -19.70
C THR B 182 -20.95 15.44 -20.38
N ILE B 183 -21.32 16.50 -19.66
CA ILE B 183 -21.22 17.86 -20.19
C ILE B 183 -19.76 18.19 -20.51
N ALA B 184 -18.84 17.69 -19.69
CA ALA B 184 -17.41 17.91 -19.84
C ALA B 184 -16.78 16.95 -20.85
N GLY B 185 -17.59 16.13 -21.51
CA GLY B 185 -17.07 15.15 -22.45
C GLY B 185 -16.43 13.93 -21.82
N LEU B 186 -16.86 13.58 -20.61
CA LEU B 186 -16.33 12.40 -19.93
C LEU B 186 -17.42 11.38 -19.68
N ASN B 187 -17.17 10.15 -20.06
CA ASN B 187 -18.02 9.07 -19.67
C ASN B 187 -17.58 8.67 -18.28
N VAL B 188 -18.40 8.96 -17.27
CA VAL B 188 -18.06 8.60 -15.88
C VAL B 188 -18.48 7.17 -15.65
N MET B 189 -17.49 6.26 -15.76
CA MET B 189 -17.72 4.82 -15.75
C MET B 189 -18.08 4.32 -14.39
N ARG B 190 -17.55 4.96 -13.36
CA ARG B 190 -17.82 4.56 -11.99
C ARG B 190 -17.88 5.81 -11.11
N ILE B 191 -18.89 5.86 -10.25
CA ILE B 191 -18.95 6.85 -9.18
C ILE B 191 -18.51 6.08 -7.94
N ILE B 192 -17.46 6.53 -7.27
CA ILE B 192 -16.98 5.82 -6.08
C ILE B 192 -16.99 6.72 -4.87
N ASN B 193 -17.17 6.13 -3.69
CA ASN B 193 -17.23 6.91 -2.45
C ASN B 193 -15.84 7.40 -2.06
N GLU B 194 -15.78 8.68 -1.68
CA GLU B 194 -14.52 9.33 -1.28
C GLU B 194 -13.72 8.56 -0.22
N PRO B 195 -14.38 8.13 0.87
CA PRO B 195 -13.63 7.40 1.88
C PRO B 195 -13.08 6.06 1.37
N THR B 196 -13.83 5.40 0.50
CA THR B 196 -13.40 4.15 -0.09
C THR B 196 -12.19 4.38 -0.96
N ALA B 197 -12.23 5.44 -1.78
CA ALA B 197 -11.08 5.84 -2.57
C ALA B 197 -9.84 6.03 -1.70
N ALA B 198 -10.00 6.70 -0.56
CA ALA B 198 -8.85 6.95 0.30
C ALA B 198 -8.29 5.65 0.85
N ALA B 199 -9.15 4.71 1.24
CA ALA B 199 -8.71 3.40 1.73
C ALA B 199 -7.96 2.63 0.64
N ILE B 200 -8.44 2.75 -0.59
CA ILE B 200 -7.78 2.09 -1.75
C ILE B 200 -6.39 2.66 -2.01
N ALA B 201 -6.21 3.95 -1.81
CA ALA B 201 -4.87 4.55 -1.95
C ALA B 201 -3.86 3.90 -1.00
N TYR B 202 -4.32 3.55 0.19
CA TYR B 202 -3.50 2.90 1.21
C TYR B 202 -3.38 1.37 1.04
N GLY B 203 -3.94 0.81 -0.02
CA GLY B 203 -3.85 -0.63 -0.30
C GLY B 203 -4.71 -1.49 0.59
N LEU B 204 -5.62 -0.88 1.35
CA LEU B 204 -6.39 -1.59 2.36
C LEU B 204 -7.46 -2.51 1.74
N ASP B 205 -7.75 -2.32 0.46
CA ASP B 205 -8.62 -3.24 -0.30
C ASP B 205 -7.93 -4.56 -0.69
N LYS B 206 -6.62 -4.62 -0.50
CA LYS B 206 -5.82 -5.78 -0.91
C LYS B 206 -5.14 -6.39 0.30
N ARG B 207 -5.93 -6.58 1.34
CA ARG B 207 -5.49 -7.23 2.55
C ARG B 207 -6.47 -8.35 2.91
N GLU B 208 -5.96 -9.47 3.38
CA GLU B 208 -6.82 -10.60 3.74
C GLU B 208 -7.54 -10.34 5.07
N GLY B 209 -8.72 -10.91 5.20
CA GLY B 209 -9.50 -10.82 6.43
C GLY B 209 -10.39 -9.61 6.45
N GLU B 210 -11.17 -9.47 7.52
CA GLU B 210 -12.14 -8.39 7.66
C GLU B 210 -11.64 -7.33 8.62
N LYS B 211 -11.69 -6.08 8.19
CA LYS B 211 -11.20 -4.98 9.01
C LYS B 211 -12.21 -3.86 9.07
N ASN B 212 -12.13 -3.07 10.15
CA ASN B 212 -12.89 -1.82 10.29
C ASN B 212 -11.99 -0.63 10.08
N ILE B 213 -12.44 0.28 9.23
CA ILE B 213 -11.66 1.45 8.81
C ILE B 213 -12.45 2.69 9.16
N LEU B 214 -11.78 3.62 9.86
CA LEU B 214 -12.35 4.95 10.11
C LEU B 214 -11.64 5.96 9.22
N VAL B 215 -12.41 6.66 8.41
CA VAL B 215 -11.91 7.72 7.55
C VAL B 215 -12.32 9.09 8.10
N PHE B 216 -11.30 9.90 8.38
CA PHE B 216 -11.47 11.21 9.01
C PHE B 216 -11.04 12.25 7.95
N ASP B 217 -12.02 12.97 7.42
CA ASP B 217 -11.88 13.86 6.24
C ASP B 217 -12.22 15.30 6.62
N LEU B 218 -11.18 16.09 6.83
CA LEU B 218 -11.36 17.50 7.24
C LEU B 218 -10.77 18.38 6.18
N GLY B 219 -11.65 19.01 5.39
CA GLY B 219 -11.25 19.82 4.23
C GLY B 219 -11.35 21.31 4.49
N GLY B 220 -11.51 22.09 3.42
CA GLY B 220 -11.57 23.53 3.56
C GLY B 220 -12.88 24.04 4.16
N GLY B 221 -13.99 23.42 3.79
CA GLY B 221 -15.31 23.85 4.31
C GLY B 221 -16.23 22.78 4.90
N THR B 222 -15.81 21.52 4.85
CA THR B 222 -16.64 20.37 5.28
C THR B 222 -15.82 19.34 6.07
N PHE B 223 -16.49 18.65 7.00
CA PHE B 223 -15.88 17.61 7.83
C PHE B 223 -16.71 16.35 7.68
N ASP B 224 -16.12 15.30 7.12
CA ASP B 224 -16.83 14.02 6.95
C ASP B 224 -16.09 12.90 7.67
N VAL B 225 -16.82 12.10 8.45
CA VAL B 225 -16.28 10.91 9.09
C VAL B 225 -17.09 9.73 8.58
N SER B 226 -16.40 8.66 8.20
CA SER B 226 -17.06 7.46 7.63
C SER B 226 -16.47 6.23 8.26
N LEU B 227 -17.32 5.27 8.59
CA LEU B 227 -16.85 3.99 9.08
C LEU B 227 -17.11 2.97 7.98
N LEU B 228 -16.04 2.32 7.53
CA LEU B 228 -16.11 1.32 6.49
C LEU B 228 -15.73 -0.04 7.04
N THR B 229 -16.30 -1.09 6.45
CA THR B 229 -15.79 -2.43 6.65
C THR B 229 -15.20 -2.89 5.34
N ILE B 230 -14.13 -3.68 5.40
CA ILE B 230 -13.50 -4.23 4.21
C ILE B 230 -13.35 -5.73 4.45
N ASP B 231 -13.89 -6.51 3.52
CA ASP B 231 -13.86 -7.96 3.58
C ASP B 231 -13.53 -8.43 2.16
N ASN B 232 -12.33 -8.98 1.96
CA ASN B 232 -11.95 -9.60 0.68
C ASN B 232 -12.22 -8.68 -0.51
N GLY B 233 -11.70 -7.47 -0.42
CA GLY B 233 -11.84 -6.49 -1.48
C GLY B 233 -13.17 -5.77 -1.57
N VAL B 234 -14.16 -6.14 -0.73
CA VAL B 234 -15.49 -5.54 -0.81
C VAL B 234 -15.71 -4.58 0.36
N PHE B 235 -16.09 -3.34 0.03
CA PHE B 235 -16.29 -2.27 1.02
C PHE B 235 -17.77 -2.11 1.35
N GLU B 236 -18.06 -1.82 2.60
CA GLU B 236 -19.39 -1.39 3.01
C GLU B 236 -19.23 -0.12 3.85
N VAL B 237 -20.01 0.89 3.52
CA VAL B 237 -20.11 2.09 4.34
C VAL B 237 -21.11 1.81 5.43
N VAL B 238 -20.64 1.61 6.66
CA VAL B 238 -21.52 1.24 7.76
C VAL B 238 -22.22 2.46 8.36
N ALA B 239 -21.50 3.57 8.48
CA ALA B 239 -22.06 4.80 9.03
C ALA B 239 -21.25 6.02 8.58
N THR B 240 -21.88 7.18 8.61
CA THR B 240 -21.24 8.45 8.30
C THR B 240 -21.74 9.51 9.29
N ASN B 241 -20.91 10.50 9.51
CA ASN B 241 -21.28 11.66 10.31
C ASN B 241 -20.28 12.77 9.98
N GLY B 242 -20.31 13.87 10.71
CA GLY B 242 -19.40 14.99 10.48
C GLY B 242 -20.09 16.31 10.77
N ASP B 243 -19.70 17.35 10.04
CA ASP B 243 -20.31 18.67 10.14
C ASP B 243 -20.15 19.30 8.79
N THR B 244 -21.27 19.68 8.19
CA THR B 244 -21.28 20.15 6.80
C THR B 244 -20.61 21.51 6.58
N HIS B 245 -20.44 22.28 7.66
CA HIS B 245 -19.87 23.63 7.60
C HIS B 245 -18.79 23.82 8.64
N LEU B 246 -17.83 22.90 8.65
CA LEU B 246 -16.64 23.00 9.50
C LEU B 246 -15.45 22.56 8.67
N GLY B 247 -14.43 23.41 8.64
CA GLY B 247 -13.21 23.08 7.94
C GLY B 247 -12.11 24.10 8.14
N GLY B 248 -11.06 23.95 7.33
CA GLY B 248 -9.89 24.80 7.39
C GLY B 248 -10.15 26.29 7.43
N GLU B 249 -11.15 26.74 6.67
CA GLU B 249 -11.41 28.16 6.54
C GLU B 249 -11.98 28.75 7.84
N ASP B 250 -12.58 27.89 8.67
CA ASP B 250 -13.04 28.32 9.99
C ASP B 250 -11.86 28.59 10.94
N PHE B 251 -10.77 27.85 10.78
CA PHE B 251 -9.57 28.09 11.59
C PHE B 251 -8.93 29.42 11.18
N ASP B 252 -8.93 29.72 9.88
CA ASP B 252 -8.41 31.01 9.38
C ASP B 252 -9.16 32.17 10.01
N GLN B 253 -10.50 32.06 10.01
CA GLN B 253 -11.36 33.10 10.56
C GLN B 253 -11.05 33.43 11.99
N ARG B 254 -10.79 32.41 12.81
CA ARG B 254 -10.41 32.63 14.20
C ARG B 254 -9.09 33.42 14.31
N VAL B 255 -8.15 33.13 13.41
CA VAL B 255 -6.89 33.83 13.38
C VAL B 255 -7.06 35.27 12.87
N MET B 256 -7.90 35.46 11.86
CA MET B 256 -8.12 36.81 11.35
C MET B 256 -8.73 37.64 12.45
N GLU B 257 -9.70 37.06 13.14
CA GLU B 257 -10.38 37.68 14.28
C GLU B 257 -9.36 38.17 15.31
N HIS B 258 -8.45 37.27 15.69
CA HIS B 258 -7.40 37.58 16.65
C HIS B 258 -6.56 38.79 16.20
N PHE B 259 -6.09 38.80 14.97
CA PHE B 259 -5.20 39.90 14.53
C PHE B 259 -5.92 41.20 14.26
N ILE B 260 -7.16 41.13 13.76
CA ILE B 260 -8.01 42.32 13.65
C ILE B 260 -8.14 43.02 15.01
N LYS B 261 -8.39 42.25 16.07
CA LYS B 261 -8.58 42.83 17.40
C LYS B 261 -7.27 43.29 18.06
N LEU B 262 -6.20 42.51 17.88
CA LEU B 262 -4.88 42.92 18.36
C LEU B 262 -4.44 44.23 17.71
N TYR B 263 -4.67 44.35 16.41
CA TYR B 263 -4.34 45.56 15.68
C TYR B 263 -5.13 46.74 16.23
N LYS B 264 -6.40 46.50 16.52
CA LYS B 264 -7.26 47.53 17.10
C LYS B 264 -6.79 47.97 18.49
N LYS B 265 -6.31 47.04 19.32
CA LYS B 265 -5.77 47.38 20.64
C LYS B 265 -4.50 48.23 20.55
N LYS B 266 -3.61 47.89 19.62
CA LYS B 266 -2.32 48.58 19.50
C LYS B 266 -2.40 49.95 18.81
N THR B 267 -3.35 50.10 17.89
CA THR B 267 -3.44 51.31 17.05
C THR B 267 -4.75 52.09 17.23
N GLY B 268 -5.77 51.44 17.80
CA GLY B 268 -7.10 52.05 17.88
C GLY B 268 -7.91 51.97 16.57
N LYS B 269 -7.35 51.34 15.54
CA LYS B 269 -8.00 51.28 14.23
C LYS B 269 -8.78 50.00 14.07
N ASP B 270 -9.97 50.09 13.49
CA ASP B 270 -10.78 48.90 13.24
C ASP B 270 -10.79 48.65 11.74
N VAL B 271 -9.98 47.69 11.30
CA VAL B 271 -9.80 47.43 9.85
C VAL B 271 -10.99 46.80 9.14
N ARG B 272 -12.00 46.38 9.89
CA ARG B 272 -13.23 45.82 9.31
C ARG B 272 -14.06 46.86 8.54
N LYS B 273 -13.79 48.15 8.79
CA LYS B 273 -14.36 49.22 7.97
C LYS B 273 -13.92 49.11 6.51
N ASP B 274 -12.77 48.46 6.29
CA ASP B 274 -12.22 48.26 4.95
C ASP B 274 -11.97 46.79 4.70
N ASN B 275 -12.84 46.17 3.91
CA ASN B 275 -12.69 44.76 3.56
C ASN B 275 -11.50 44.45 2.65
N ARG B 276 -10.93 45.45 1.98
CA ARG B 276 -9.70 45.25 1.21
C ARG B 276 -8.57 44.81 2.17
N ALA B 277 -8.51 45.47 3.32
CA ALA B 277 -7.53 45.15 4.36
C ALA B 277 -7.80 43.77 4.96
N VAL B 278 -9.07 43.50 5.26
CA VAL B 278 -9.46 42.17 5.79
C VAL B 278 -8.99 41.06 4.84
N GLN B 279 -9.18 41.24 3.54
CA GLN B 279 -8.82 40.18 2.57
C GLN B 279 -7.31 39.97 2.43
N LYS B 280 -6.52 41.03 2.55
CA LYS B 280 -5.06 40.90 2.54
C LYS B 280 -4.62 40.08 3.74
N LEU B 281 -5.25 40.34 4.88
CA LEU B 281 -4.98 39.61 6.11
C LEU B 281 -5.38 38.15 5.97
N ARG B 282 -6.57 37.90 5.41
CA ARG B 282 -7.01 36.53 5.12
C ARG B 282 -5.97 35.74 4.32
N ARG B 283 -5.48 36.34 3.25
CA ARG B 283 -4.45 35.72 2.39
C ARG B 283 -3.19 35.32 3.16
N GLU B 284 -2.68 36.21 4.00
CA GLU B 284 -1.45 35.94 4.74
C GLU B 284 -1.67 34.94 5.90
N VAL B 285 -2.86 34.97 6.50
CA VAL B 285 -3.26 34.01 7.53
C VAL B 285 -3.27 32.59 6.98
N GLU B 286 -3.86 32.42 5.80
CA GLU B 286 -3.86 31.12 5.11
C GLU B 286 -2.44 30.57 4.95
N LYS B 287 -1.53 31.43 4.48
CA LYS B 287 -0.13 31.07 4.28
C LYS B 287 0.55 30.75 5.62
N ALA B 288 0.28 31.58 6.64
CA ALA B 288 0.83 31.37 7.96
C ALA B 288 0.34 30.05 8.55
N LYS B 289 -0.95 29.76 8.39
CA LYS B 289 -1.50 28.50 8.89
C LYS B 289 -0.76 27.28 8.30
N ARG B 290 -0.54 27.29 6.99
CA ARG B 290 0.18 26.20 6.32
C ARG B 290 1.61 26.10 6.81
N ALA B 291 2.25 27.24 7.04
CA ALA B 291 3.63 27.26 7.52
C ALA B 291 3.72 26.60 8.90
N LEU B 292 2.69 26.81 9.72
CA LEU B 292 2.66 26.31 11.09
C LEU B 292 2.41 24.79 11.23
N SER B 293 2.11 24.15 10.10
CA SER B 293 2.07 22.69 10.05
C SER B 293 3.47 22.05 10.01
N SER B 294 4.51 22.83 9.70
CA SER B 294 5.90 22.35 9.75
C SER B 294 6.83 23.20 10.61
N GLN B 295 6.42 24.42 10.92
CA GLN B 295 7.22 25.36 11.73
C GLN B 295 6.47 25.70 13.02
N HIS B 296 7.17 26.28 13.99
CA HIS B 296 6.56 26.64 15.28
C HIS B 296 6.20 28.12 15.39
N GLN B 297 6.62 28.92 14.42
CA GLN B 297 6.20 30.32 14.31
C GLN B 297 6.21 30.74 12.86
N ALA B 298 5.45 31.79 12.56
CA ALA B 298 5.33 32.30 11.20
C ALA B 298 5.06 33.79 11.28
N ARG B 299 5.69 34.55 10.38
CA ARG B 299 5.53 35.99 10.37
C ARG B 299 4.48 36.36 9.34
N ILE B 300 3.56 37.20 9.76
CA ILE B 300 2.52 37.74 8.88
C ILE B 300 2.89 39.18 8.60
N GLU B 301 3.10 39.48 7.32
CA GLU B 301 3.63 40.73 6.88
C GLU B 301 2.71 41.25 5.78
N ILE B 302 2.27 42.50 5.88
CA ILE B 302 1.41 43.12 4.85
C ILE B 302 1.84 44.55 4.54
N GLU B 303 2.24 44.80 3.30
CA GLU B 303 2.54 46.16 2.83
C GLU B 303 1.25 46.96 2.74
N SER B 304 1.28 48.19 3.26
CA SER B 304 0.14 49.09 3.18
C SER B 304 -1.19 48.39 3.54
N PHE B 305 -1.22 47.85 4.75
CA PHE B 305 -2.36 47.13 5.30
C PHE B 305 -3.61 48.01 5.45
N TYR B 306 -3.47 49.15 6.13
CA TYR B 306 -4.59 49.99 6.50
C TYR B 306 -4.09 51.41 6.67
N GLU B 307 -4.64 52.34 5.88
CA GLU B 307 -4.24 53.73 5.89
C GLU B 307 -2.76 53.91 5.57
N GLY B 308 -2.25 53.08 4.66
CA GLY B 308 -0.86 53.19 4.22
C GLY B 308 0.17 52.67 5.20
N GLU B 309 -0.28 52.10 6.32
CA GLU B 309 0.61 51.56 7.35
C GLU B 309 0.83 50.08 7.12
N ASP B 310 2.06 49.62 7.35
CA ASP B 310 2.43 48.22 7.19
C ASP B 310 1.99 47.43 8.42
N PHE B 311 1.67 46.16 8.23
CA PHE B 311 1.33 45.25 9.33
C PHE B 311 2.43 44.23 9.45
N SER B 312 2.81 43.89 10.67
CA SER B 312 3.83 42.89 10.93
C SER B 312 3.62 42.26 12.30
N GLU B 313 3.26 40.99 12.33
CA GLU B 313 3.08 40.25 13.59
C GLU B 313 3.56 38.81 13.44
N THR B 314 3.93 38.17 14.55
CA THR B 314 4.24 36.75 14.56
C THR B 314 3.04 35.95 15.11
N LEU B 315 2.77 34.83 14.46
CA LEU B 315 1.80 33.85 14.94
C LEU B 315 2.57 32.60 15.34
N THR B 316 2.44 32.21 16.60
CA THR B 316 3.05 30.95 17.07
C THR B 316 2.07 29.79 16.86
N ARG B 317 2.62 28.57 16.67
CA ARG B 317 1.80 27.39 16.62
C ARG B 317 0.98 27.29 17.91
N ALA B 318 1.57 27.64 19.04
CA ALA B 318 0.84 27.58 20.31
C ALA B 318 -0.42 28.45 20.25
N LYS B 319 -0.26 29.67 19.73
CA LYS B 319 -1.39 30.60 19.68
C LYS B 319 -2.41 30.12 18.67
N PHE B 320 -1.95 29.67 17.51
CA PHE B 320 -2.84 29.09 16.50
C PHE B 320 -3.72 27.99 17.11
N GLU B 321 -3.09 27.08 17.87
CA GLU B 321 -3.81 25.96 18.50
C GLU B 321 -4.78 26.44 19.57
N GLU B 322 -4.34 27.41 20.37
CA GLU B 322 -5.15 27.98 21.43
C GLU B 322 -6.41 28.61 20.86
N LEU B 323 -6.28 29.35 19.77
CA LEU B 323 -7.43 30.05 19.13
C LEU B 323 -8.49 29.10 18.54
N ASN B 324 -8.06 27.88 18.19
CA ASN B 324 -8.91 26.90 17.55
C ASN B 324 -9.14 25.63 18.34
N MET B 325 -8.66 25.56 19.58
CA MET B 325 -8.68 24.29 20.31
C MET B 325 -10.11 23.73 20.44
N ASP B 326 -11.09 24.60 20.68
CA ASP B 326 -12.50 24.17 20.74
C ASP B 326 -12.97 23.52 19.45
N LEU B 327 -12.64 24.11 18.31
CA LEU B 327 -13.05 23.58 17.03
C LEU B 327 -12.33 22.27 16.74
N PHE B 328 -11.05 22.18 17.10
CA PHE B 328 -10.29 20.94 16.94
C PHE B 328 -10.93 19.78 17.74
N ARG B 329 -11.20 20.04 19.01
CA ARG B 329 -11.73 18.99 19.87
C ARG B 329 -13.15 18.58 19.45
N SER B 330 -13.89 19.50 18.82
CA SER B 330 -15.25 19.23 18.40
C SER B 330 -15.29 18.13 17.33
N THR B 331 -14.20 17.98 16.58
CA THR B 331 -14.13 16.95 15.53
C THR B 331 -14.09 15.51 16.09
N MET B 332 -13.77 15.35 17.38
CA MET B 332 -13.80 14.02 17.97
C MET B 332 -15.22 13.50 18.20
N LYS B 333 -16.19 14.41 18.37
CA LYS B 333 -17.57 13.99 18.72
C LYS B 333 -18.24 13.18 17.59
N PRO B 334 -18.21 13.68 16.34
CA PRO B 334 -18.69 12.85 15.22
C PRO B 334 -18.00 11.50 15.08
N VAL B 335 -16.75 11.38 15.51
CA VAL B 335 -16.03 10.11 15.49
C VAL B 335 -16.66 9.15 16.51
N GLN B 336 -16.86 9.63 17.73
CA GLN B 336 -17.57 8.82 18.73
C GLN B 336 -18.98 8.42 18.23
N LYS B 337 -19.69 9.34 17.59
CA LYS B 337 -21.04 9.03 17.07
C LYS B 337 -21.06 7.92 16.02
N VAL B 338 -20.13 7.94 15.07
CA VAL B 338 -20.10 6.87 14.05
C VAL B 338 -19.78 5.53 14.71
N LEU B 339 -18.92 5.54 15.74
CA LEU B 339 -18.58 4.32 16.44
C LEU B 339 -19.80 3.73 17.12
N GLU B 340 -20.56 4.58 17.83
CA GLU B 340 -21.82 4.18 18.45
C GLU B 340 -22.82 3.65 17.43
N ASP B 341 -22.91 4.30 16.28
CA ASP B 341 -23.87 3.90 15.24
C ASP B 341 -23.49 2.62 14.50
N SER B 342 -22.21 2.30 14.50
CA SER B 342 -21.72 1.04 13.93
C SER B 342 -21.62 -0.08 14.99
N ASP B 343 -22.03 0.21 16.22
CA ASP B 343 -21.87 -0.68 17.37
C ASP B 343 -20.42 -1.15 17.59
N LEU B 344 -19.48 -0.24 17.45
CA LEU B 344 -18.07 -0.55 17.66
C LEU B 344 -17.48 0.23 18.83
N LYS B 345 -16.46 -0.35 19.46
CA LYS B 345 -15.64 0.34 20.46
C LYS B 345 -14.48 0.92 19.67
N LYS B 346 -13.73 1.84 20.30
CA LYS B 346 -12.53 2.39 19.68
C LYS B 346 -11.54 1.29 19.34
N SER B 347 -11.42 0.30 20.22
CA SER B 347 -10.46 -0.77 20.06
C SER B 347 -10.78 -1.68 18.85
N ASP B 348 -11.99 -1.57 18.32
CA ASP B 348 -12.38 -2.32 17.10
C ASP B 348 -11.83 -1.72 15.78
N ILE B 349 -11.40 -0.46 15.82
CA ILE B 349 -10.93 0.22 14.59
C ILE B 349 -9.54 -0.26 14.25
N ASP B 350 -9.39 -0.82 13.04
CA ASP B 350 -8.16 -1.45 12.63
C ASP B 350 -7.28 -0.51 11.84
N GLU B 351 -7.89 0.47 11.17
CA GLU B 351 -7.17 1.42 10.35
C GLU B 351 -7.82 2.78 10.49
N ILE B 352 -7.00 3.81 10.58
CA ILE B 352 -7.48 5.16 10.60
C ILE B 352 -6.84 5.89 9.43
N VAL B 353 -7.67 6.44 8.54
CA VAL B 353 -7.19 7.18 7.36
C VAL B 353 -7.55 8.66 7.47
N LEU B 354 -6.54 9.52 7.37
CA LEU B 354 -6.70 10.99 7.38
C LEU B 354 -6.74 11.55 5.97
N VAL B 355 -7.79 12.30 5.68
CA VAL B 355 -8.02 12.89 4.37
C VAL B 355 -8.34 14.35 4.58
N GLY B 356 -7.96 15.17 3.62
CA GLY B 356 -8.26 16.57 3.68
C GLY B 356 -7.08 17.37 4.16
N GLY B 357 -6.93 18.55 3.57
CA GLY B 357 -5.79 19.41 3.87
C GLY B 357 -5.61 19.77 5.33
N SER B 358 -6.72 19.93 6.06
CA SER B 358 -6.66 20.33 7.45
C SER B 358 -6.10 19.23 8.37
N THR B 359 -5.99 18.00 7.86
CA THR B 359 -5.39 16.92 8.65
C THR B 359 -3.86 16.99 8.65
N ARG B 360 -3.29 17.95 7.88
CA ARG B 360 -1.86 18.25 8.00
C ARG B 360 -1.51 19.03 9.26
N ILE B 361 -2.52 19.58 9.93
CA ILE B 361 -2.29 20.33 11.18
C ILE B 361 -1.86 19.33 12.26
N PRO B 362 -0.66 19.53 12.87
CA PRO B 362 -0.17 18.57 13.87
C PRO B 362 -1.10 18.33 15.04
N LYS B 363 -1.74 19.37 15.54
CA LYS B 363 -2.67 19.18 16.66
C LYS B 363 -3.81 18.22 16.29
N ILE B 364 -4.35 18.34 15.06
CA ILE B 364 -5.42 17.46 14.60
C ILE B 364 -4.94 16.02 14.58
N GLN B 365 -3.73 15.80 14.05
CA GLN B 365 -3.12 14.46 14.01
C GLN B 365 -2.92 13.88 15.41
N GLN B 366 -2.49 14.74 16.34
CA GLN B 366 -2.30 14.35 17.73
C GLN B 366 -3.63 14.00 18.39
N LEU B 367 -4.67 14.81 18.16
CA LEU B 367 -5.97 14.58 18.78
C LEU B 367 -6.56 13.25 18.36
N VAL B 368 -6.44 12.94 17.07
CA VAL B 368 -6.95 11.65 16.54
C VAL B 368 -6.15 10.46 17.09
N LYS B 369 -4.82 10.57 17.12
CA LYS B 369 -3.96 9.49 17.61
C LYS B 369 -4.28 9.24 19.09
N GLU B 370 -4.44 10.31 19.86
CA GLU B 370 -4.71 10.18 21.29
C GLU B 370 -6.13 9.65 21.56
N PHE B 371 -7.09 10.06 20.74
CA PHE B 371 -8.46 9.51 20.81
C PHE B 371 -8.42 7.98 20.68
N PHE B 372 -7.60 7.50 19.75
CA PHE B 372 -7.41 6.06 19.55
C PHE B 372 -6.22 5.47 20.36
N ASN B 373 -5.93 6.11 21.50
CA ASN B 373 -5.05 5.55 22.52
C ASN B 373 -3.66 5.21 22.01
N GLY B 374 -3.13 6.07 21.13
CA GLY B 374 -1.75 5.93 20.66
C GLY B 374 -1.61 5.21 19.34
N LYS B 375 -2.70 4.76 18.77
CA LYS B 375 -2.65 4.11 17.46
C LYS B 375 -2.27 5.13 16.36
N GLU B 376 -1.24 4.82 15.58
CA GLU B 376 -0.82 5.74 14.50
C GLU B 376 -1.82 5.65 13.35
N PRO B 377 -2.41 6.80 12.99
CA PRO B 377 -3.21 6.80 11.76
C PRO B 377 -2.35 6.68 10.50
N SER B 378 -2.99 6.40 9.37
CA SER B 378 -2.30 6.45 8.08
C SER B 378 -2.40 7.88 7.58
N ARG B 379 -1.26 8.57 7.48
CA ARG B 379 -1.21 9.92 6.87
C ARG B 379 -0.10 10.14 5.81
N GLY B 380 0.63 9.07 5.48
CA GLY B 380 1.79 9.14 4.59
C GLY B 380 1.56 9.48 3.13
N ILE B 381 0.31 9.39 2.69
CA ILE B 381 -0.08 9.87 1.36
C ILE B 381 -0.62 11.28 1.58
N ASN B 382 -0.21 12.25 0.75
CA ASN B 382 -0.71 13.62 0.88
C ASN B 382 -2.23 13.59 1.06
N PRO B 383 -2.75 14.15 2.17
CA PRO B 383 -4.18 13.97 2.43
C PRO B 383 -5.10 14.73 1.43
N ASP B 384 -4.56 15.75 0.74
CA ASP B 384 -5.29 16.42 -0.35
C ASP B 384 -5.38 15.59 -1.62
N GLU B 385 -4.53 14.57 -1.73
CA GLU B 385 -4.42 13.79 -2.97
C GLU B 385 -4.88 12.35 -2.83
N ALA B 386 -5.09 11.89 -1.60
CA ALA B 386 -5.36 10.46 -1.39
C ALA B 386 -6.60 9.97 -2.11
N VAL B 387 -7.66 10.77 -2.13
CA VAL B 387 -8.92 10.38 -2.79
C VAL B 387 -8.72 10.22 -4.30
N ALA B 388 -8.07 11.20 -4.92
CA ALA B 388 -7.75 11.07 -6.34
C ALA B 388 -6.83 9.89 -6.63
N TYR B 389 -5.88 9.65 -5.74
CA TYR B 389 -4.96 8.52 -5.87
C TYR B 389 -5.73 7.20 -5.95
N GLY B 390 -6.67 7.01 -5.03
CA GLY B 390 -7.52 5.81 -5.04
C GLY B 390 -8.41 5.70 -6.27
N ALA B 391 -8.92 6.81 -6.71
CA ALA B 391 -9.77 6.82 -7.89
C ALA B 391 -8.96 6.38 -9.10
N ALA B 392 -7.70 6.86 -9.15
CA ALA B 392 -6.77 6.52 -10.21
C ALA B 392 -6.37 5.05 -10.20
N VAL B 393 -6.24 4.47 -9.01
CA VAL B 393 -5.97 3.06 -8.88
C VAL B 393 -7.09 2.28 -9.58
N GLN B 394 -8.33 2.64 -9.28
CA GLN B 394 -9.50 1.97 -9.89
C GLN B 394 -9.58 2.24 -11.38
N ALA B 395 -9.22 3.45 -11.79
CA ALA B 395 -9.20 3.81 -13.20
C ALA B 395 -8.17 2.96 -13.95
N GLY B 396 -7.07 2.60 -13.26
CA GLY B 396 -6.02 1.79 -13.88
C GLY B 396 -6.51 0.41 -14.27
N VAL B 397 -7.37 -0.13 -13.43
CA VAL B 397 -7.97 -1.43 -13.68
C VAL B 397 -8.89 -1.33 -14.89
N LEU B 398 -9.63 -0.24 -14.98
CA LEU B 398 -10.59 -0.05 -16.06
C LEU B 398 -9.94 0.26 -17.39
N SER B 399 -8.72 0.80 -17.37
CA SER B 399 -8.01 1.10 -18.61
C SER B 399 -7.52 -0.23 -19.23
N GLY B 400 -7.24 -1.25 -18.40
CA GLY B 400 -6.82 -2.57 -18.88
C GLY B 400 -5.33 -2.63 -19.14
#